data_6K3C
#
_entry.id   6K3C
#
_cell.length_a   169.802
_cell.length_b   61.852
_cell.length_c   82.566
_cell.angle_alpha   90.00
_cell.angle_beta   106.73
_cell.angle_gamma   90.00
#
_symmetry.space_group_name_H-M   'C 1 2 1'
#
loop_
_entity.id
_entity.type
_entity.pdbx_description
1 polymer 'Intracellular polyhydroxyalkanoate synthase'
2 non-polymer 'COENZYME A'
3 water water
#
_entity_poly.entity_id   1
_entity_poly.type   'polypeptide(L)'
_entity_poly.pdbx_seq_one_letter_code
;GPFQIGKNLVVTPGEVVFRNELIELIQYTPTTEKVHEKPLLFVPPCINKYYLMDLQPDNSMVRHFVGQGYRVFLVSWRSA
VPEMKNFTWETYIEKGVFAAAEAVQKITKQPTMNALGFCVGGVILTTALCVAQAKGLKYFDSATFMTSLIDHAEPGEISF
FIDEALVASREAKMAAGGIISGKEIGRTFASLRANDLVWNYVVNNYLLGKTPAPFDLLYWNNDAVDLPLPMHTFMLRQFY
INNALITPGAITLCGVPIDISKIDIPVYMFAARENHIVLWSSAYSGLKYLSGTPSRRFVLGASGHIAGSINPVTKDKRNY
WTNEQLPVNPEEWLEGAQSHPGSWWKDWDAWLAPQSGKQVPAPKMLGSKEFPPLQPAPGSYVLAKAMPPVAAALN
;
_entity_poly.pdbx_strand_id   A,B
#
# COMPACT_ATOMS: atom_id res chain seq x y z
N PRO A 2 11.97 3.77 6.43
CA PRO A 2 11.10 4.15 5.32
C PRO A 2 11.80 4.06 3.97
N PHE A 3 11.45 4.95 3.05
CA PHE A 3 12.06 5.01 1.73
C PHE A 3 12.62 6.41 1.51
N GLN A 4 13.95 6.51 1.45
CA GLN A 4 14.64 7.74 1.09
C GLN A 4 15.13 7.62 -0.34
N ILE A 5 14.84 8.64 -1.15
CA ILE A 5 15.19 8.57 -2.57
C ILE A 5 16.68 8.32 -2.74
N GLY A 6 17.52 9.09 -2.03
CA GLY A 6 18.95 9.01 -2.25
C GLY A 6 19.60 7.73 -1.76
N LYS A 7 19.09 7.14 -0.68
CA LYS A 7 19.84 6.11 0.05
C LYS A 7 19.44 4.68 -0.29
N ASN A 8 18.14 4.35 -0.23
CA ASN A 8 17.73 2.98 -0.50
C ASN A 8 17.00 2.79 -1.83
N LEU A 9 16.59 3.88 -2.48
CA LEU A 9 16.05 3.83 -3.82
C LEU A 9 17.04 4.46 -4.80
N VAL A 10 16.78 4.24 -6.09
CA VAL A 10 17.48 4.86 -7.23
C VAL A 10 19.01 4.83 -7.05
N VAL A 11 19.51 3.80 -6.36
CA VAL A 11 20.91 3.75 -5.96
C VAL A 11 21.82 3.39 -7.13
N THR A 12 21.26 3.22 -8.31
CA THR A 12 22.05 2.84 -9.48
C THR A 12 23.09 3.92 -9.75
N PRO A 13 24.38 3.61 -9.66
CA PRO A 13 25.41 4.65 -9.75
C PRO A 13 25.40 5.34 -11.11
N GLY A 14 25.47 6.67 -11.08
CA GLY A 14 25.47 7.46 -12.29
C GLY A 14 25.72 8.91 -11.97
N GLU A 15 25.93 9.68 -13.02
CA GLU A 15 26.22 11.11 -12.90
C GLU A 15 25.30 11.90 -13.82
N VAL A 16 24.94 13.10 -13.37
CA VAL A 16 24.17 14.04 -14.20
C VAL A 16 25.14 14.64 -15.19
N VAL A 17 25.09 14.17 -16.44
CA VAL A 17 26.05 14.60 -17.46
C VAL A 17 25.54 15.77 -18.28
N PHE A 18 24.31 16.22 -18.05
CA PHE A 18 23.74 17.38 -18.72
C PHE A 18 22.48 17.81 -18.00
N ARG A 19 22.30 19.11 -17.83
CA ARG A 19 21.11 19.65 -17.19
C ARG A 19 20.50 20.71 -18.09
N ASN A 20 19.17 20.75 -18.10
CA ASN A 20 18.39 21.74 -18.83
C ASN A 20 17.50 22.51 -17.86
N GLU A 21 16.78 23.49 -18.40
CA GLU A 21 15.74 24.15 -17.62
C GLU A 21 14.52 23.27 -17.43
N LEU A 22 14.49 22.10 -18.06
CA LEU A 22 13.37 21.16 -18.02
C LEU A 22 13.78 19.76 -17.60
N ILE A 23 14.94 19.28 -18.05
CA ILE A 23 15.33 17.88 -17.87
C ILE A 23 16.69 17.80 -17.20
N GLU A 24 17.04 16.57 -16.82
CA GLU A 24 18.36 16.23 -16.29
C GLU A 24 18.73 14.88 -16.86
N LEU A 25 19.71 14.86 -17.77
CA LEU A 25 20.17 13.61 -18.37
C LEU A 25 21.10 12.88 -17.40
N ILE A 26 20.87 11.58 -17.24
CA ILE A 26 21.65 10.74 -16.35
C ILE A 26 22.34 9.68 -17.19
N GLN A 27 23.67 9.68 -17.18
CA GLN A 27 24.46 8.61 -17.76
C GLN A 27 24.84 7.64 -16.65
N TYR A 28 24.35 6.42 -16.73
CA TYR A 28 24.56 5.48 -15.63
C TYR A 28 25.92 4.82 -15.73
N THR A 29 26.55 4.63 -14.57
CA THR A 29 27.91 4.11 -14.52
C THR A 29 27.95 2.69 -15.07
N PRO A 30 28.82 2.39 -16.02
CA PRO A 30 28.86 1.03 -16.59
C PRO A 30 29.26 0.01 -15.54
N THR A 31 28.51 -1.09 -15.49
CA THR A 31 28.78 -2.19 -14.56
C THR A 31 29.35 -3.41 -15.26
N THR A 32 29.61 -3.34 -16.55
CA THR A 32 30.19 -4.44 -17.32
C THR A 32 31.52 -4.00 -17.91
N GLU A 33 32.35 -5.00 -18.28
CA GLU A 33 33.63 -4.71 -18.88
C GLU A 33 33.46 -4.14 -20.29
N LYS A 34 32.60 -4.75 -21.09
CA LYS A 34 32.29 -4.26 -22.43
C LYS A 34 30.79 -4.10 -22.58
N VAL A 35 30.38 -3.01 -23.22
CA VAL A 35 28.97 -2.69 -23.40
C VAL A 35 28.64 -2.73 -24.89
N HIS A 36 27.35 -2.67 -25.19
CA HIS A 36 26.91 -2.55 -26.57
C HIS A 36 27.21 -1.15 -27.10
N GLU A 37 27.67 -1.09 -28.35
CA GLU A 37 28.17 0.17 -28.89
C GLU A 37 27.07 1.22 -28.99
N LYS A 38 25.91 0.82 -29.48
CA LYS A 38 24.80 1.77 -29.62
C LYS A 38 24.18 2.05 -28.27
N PRO A 39 24.08 3.30 -27.83
CA PRO A 39 23.53 3.60 -26.52
C PRO A 39 22.03 3.36 -26.46
N LEU A 40 21.50 3.45 -25.25
CA LEU A 40 20.08 3.21 -24.98
C LEU A 40 19.54 4.36 -24.14
N LEU A 41 18.61 5.12 -24.71
CA LEU A 41 18.04 6.29 -24.05
C LEU A 41 16.69 5.96 -23.45
N PHE A 42 16.47 6.42 -22.22
CA PHE A 42 15.22 6.17 -21.49
C PHE A 42 14.44 7.47 -21.38
N VAL A 43 13.17 7.43 -21.79
CA VAL A 43 12.27 8.57 -21.74
C VAL A 43 11.15 8.27 -20.75
N PRO A 44 11.37 8.50 -19.45
CA PRO A 44 10.35 8.18 -18.45
C PRO A 44 9.19 9.16 -18.53
N PRO A 45 8.04 8.82 -17.94
CA PRO A 45 6.89 9.72 -17.98
C PRO A 45 7.10 10.95 -17.13
N CYS A 46 6.24 11.94 -17.36
CA CYS A 46 6.21 13.16 -16.57
C CYS A 46 4.98 13.29 -15.71
N ILE A 47 4.06 12.32 -15.76
CA ILE A 47 2.90 12.33 -14.87
C ILE A 47 3.35 12.21 -13.42
N ASN A 48 4.08 11.15 -13.12
CA ASN A 48 4.78 11.00 -11.85
C ASN A 48 6.27 11.12 -12.09
N LYS A 49 7.08 10.68 -11.14
CA LYS A 49 8.52 10.81 -11.26
C LYS A 49 9.10 9.62 -12.02
N TYR A 50 10.38 9.74 -12.36
CA TYR A 50 10.98 8.83 -13.33
C TYR A 50 11.37 7.49 -12.74
N TYR A 51 11.55 7.40 -11.43
CA TYR A 51 12.29 6.30 -10.84
C TYR A 51 11.51 4.99 -10.74
N LEU A 52 10.38 4.87 -11.43
CA LEU A 52 9.70 3.58 -11.50
C LEU A 52 10.57 2.53 -12.14
N MET A 53 11.47 2.94 -13.03
CA MET A 53 12.41 2.02 -13.67
C MET A 53 13.65 1.76 -12.83
N ASP A 54 13.82 2.46 -11.71
CA ASP A 54 15.00 2.32 -10.87
C ASP A 54 14.59 2.41 -9.40
N LEU A 55 13.84 1.42 -8.95
CA LEU A 55 13.38 1.40 -7.57
C LEU A 55 14.43 0.80 -6.66
N GLN A 56 14.50 -0.53 -6.60
CA GLN A 56 15.47 -1.23 -5.78
C GLN A 56 16.33 -2.14 -6.66
N PRO A 57 17.58 -2.41 -6.26
CA PRO A 57 18.49 -3.20 -7.10
C PRO A 57 17.90 -4.52 -7.60
N ASP A 58 16.91 -5.05 -6.89
CA ASP A 58 16.20 -6.24 -7.37
C ASP A 58 15.32 -5.90 -8.58
N ASN A 59 14.38 -4.98 -8.39
CA ASN A 59 13.44 -4.58 -9.44
C ASN A 59 13.83 -3.26 -10.10
N SER A 60 15.12 -2.98 -10.24
CA SER A 60 15.60 -1.80 -10.94
C SER A 60 15.86 -2.17 -12.39
N MET A 61 14.98 -1.74 -13.29
CA MET A 61 15.19 -2.03 -14.70
C MET A 61 16.42 -1.31 -15.25
N VAL A 62 16.71 -0.12 -14.73
CA VAL A 62 17.90 0.61 -15.16
C VAL A 62 19.16 -0.16 -14.77
N ARG A 63 19.27 -0.54 -13.50
CA ARG A 63 20.43 -1.31 -13.05
C ARG A 63 20.52 -2.64 -13.78
N HIS A 64 19.38 -3.24 -14.11
CA HIS A 64 19.39 -4.52 -14.83
C HIS A 64 19.95 -4.34 -16.23
N PHE A 65 19.38 -3.43 -17.02
CA PHE A 65 19.80 -3.28 -18.41
C PHE A 65 21.20 -2.70 -18.52
N VAL A 66 21.61 -1.85 -17.58
CA VAL A 66 23.00 -1.43 -17.54
C VAL A 66 23.88 -2.58 -17.09
N GLY A 67 23.32 -3.55 -16.36
CA GLY A 67 24.05 -4.76 -16.04
C GLY A 67 24.17 -5.74 -17.18
N GLN A 68 23.29 -5.64 -18.17
CA GLN A 68 23.40 -6.50 -19.35
C GLN A 68 24.47 -6.02 -20.31
N GLY A 69 24.79 -4.72 -20.29
CA GLY A 69 25.83 -4.18 -21.15
C GLY A 69 25.33 -3.12 -22.10
N TYR A 70 24.44 -2.25 -21.63
CA TYR A 70 23.90 -1.16 -22.43
C TYR A 70 24.36 0.18 -21.87
N ARG A 71 24.70 1.08 -22.78
CA ARG A 71 25.09 2.45 -22.40
C ARG A 71 23.81 3.19 -22.04
N VAL A 72 23.43 3.11 -20.77
CA VAL A 72 22.10 3.53 -20.33
C VAL A 72 22.12 5.02 -19.99
N PHE A 73 21.30 5.78 -20.72
CA PHE A 73 21.03 7.17 -20.43
C PHE A 73 19.55 7.32 -20.07
N LEU A 74 19.22 8.42 -19.39
CA LEU A 74 17.87 8.59 -18.89
C LEU A 74 17.53 10.07 -18.82
N VAL A 75 16.25 10.39 -19.07
CA VAL A 75 15.74 11.75 -18.99
C VAL A 75 14.97 11.92 -17.69
N SER A 76 15.46 12.80 -16.81
CA SER A 76 14.78 13.08 -15.55
C SER A 76 13.99 14.37 -15.68
N TRP A 77 12.67 14.27 -15.53
CA TRP A 77 11.81 15.43 -15.70
C TRP A 77 11.75 16.27 -14.43
N ARG A 78 11.60 17.58 -14.61
CA ARG A 78 11.55 18.52 -13.50
C ARG A 78 10.10 18.88 -13.20
N SER A 79 9.74 18.83 -11.93
CA SER A 79 8.40 19.22 -11.51
C SER A 79 8.12 20.67 -11.91
N ALA A 80 6.84 20.97 -12.14
CA ALA A 80 6.47 22.29 -12.61
C ALA A 80 6.81 23.36 -11.57
N VAL A 81 6.93 24.59 -12.05
CA VAL A 81 7.43 25.72 -11.28
C VAL A 81 7.01 26.98 -12.02
N PRO A 82 6.68 28.09 -11.32
CA PRO A 82 6.31 29.33 -12.02
C PRO A 82 7.26 29.75 -13.12
N GLU A 83 8.51 29.26 -13.07
CA GLU A 83 9.44 29.50 -14.17
C GLU A 83 8.99 28.82 -15.45
N MET A 84 8.27 27.70 -15.35
CA MET A 84 7.85 26.92 -16.51
C MET A 84 6.34 27.00 -16.74
N LYS A 85 5.74 28.16 -16.47
CA LYS A 85 4.29 28.28 -16.59
C LYS A 85 3.81 28.25 -18.03
N ASN A 86 4.67 28.58 -19.00
CA ASN A 86 4.28 28.65 -20.40
C ASN A 86 4.95 27.57 -21.25
N PHE A 87 5.25 26.42 -20.65
CA PHE A 87 5.82 25.31 -21.40
C PHE A 87 4.71 24.50 -22.08
N THR A 88 4.98 24.08 -23.30
CA THR A 88 4.02 23.32 -24.10
C THR A 88 4.65 21.99 -24.52
N TRP A 89 3.87 21.21 -25.29
CA TRP A 89 4.37 19.94 -25.80
C TRP A 89 5.57 20.14 -26.70
N GLU A 90 5.58 21.24 -27.47
CA GLU A 90 6.70 21.53 -28.35
C GLU A 90 7.99 21.76 -27.57
N THR A 91 7.88 22.24 -26.33
CA THR A 91 9.07 22.43 -25.51
C THR A 91 9.57 21.10 -24.96
N TYR A 92 8.65 20.22 -24.55
CA TYR A 92 9.04 18.89 -24.13
C TYR A 92 9.63 18.06 -25.25
N ILE A 93 9.29 18.38 -26.51
CA ILE A 93 9.95 17.72 -27.63
C ILE A 93 11.29 18.37 -27.93
N GLU A 94 11.34 19.71 -27.89
CA GLU A 94 12.56 20.45 -28.21
C GLU A 94 13.59 20.33 -27.10
N LYS A 95 13.37 21.05 -26.00
CA LYS A 95 14.30 21.04 -24.87
C LYS A 95 14.20 19.78 -24.03
N GLY A 96 13.44 18.78 -24.47
CA GLY A 96 13.33 17.54 -23.73
C GLY A 96 13.99 16.37 -24.44
N VAL A 97 13.36 15.87 -25.50
CA VAL A 97 13.86 14.69 -26.18
C VAL A 97 15.07 15.01 -27.03
N PHE A 98 14.97 16.04 -27.87
CA PHE A 98 16.05 16.36 -28.79
C PHE A 98 17.30 16.83 -28.06
N ALA A 99 17.14 17.53 -26.93
CA ALA A 99 18.30 17.99 -26.18
C ALA A 99 19.09 16.80 -25.63
N ALA A 100 18.39 15.85 -24.99
CA ALA A 100 19.07 14.68 -24.45
C ALA A 100 19.65 13.81 -25.56
N ALA A 101 18.94 13.74 -26.70
CA ALA A 101 19.45 12.96 -27.83
C ALA A 101 20.74 13.55 -28.37
N GLU A 102 20.77 14.87 -28.59
CA GLU A 102 21.99 15.52 -29.04
C GLU A 102 23.10 15.35 -28.01
N ALA A 103 22.76 15.42 -26.72
CA ALA A 103 23.76 15.23 -25.67
C ALA A 103 24.38 13.84 -25.74
N VAL A 104 23.54 12.81 -25.92
CA VAL A 104 24.06 11.45 -26.06
C VAL A 104 24.94 11.35 -27.30
N GLN A 105 24.53 12.01 -28.38
CA GLN A 105 25.33 11.97 -29.61
C GLN A 105 26.69 12.62 -29.40
N LYS A 106 26.75 13.68 -28.61
CA LYS A 106 28.02 14.36 -28.36
C LYS A 106 28.88 13.62 -27.35
N ILE A 107 28.26 12.85 -26.44
CA ILE A 107 29.02 12.12 -25.44
C ILE A 107 29.58 10.82 -26.01
N THR A 108 28.70 9.96 -26.52
CA THR A 108 29.13 8.68 -27.07
C THR A 108 29.77 8.79 -28.44
N LYS A 109 29.63 9.95 -29.11
CA LYS A 109 30.16 10.16 -30.47
C LYS A 109 29.59 9.13 -31.44
N GLN A 110 28.35 8.71 -31.22
CA GLN A 110 27.64 7.76 -32.06
C GLN A 110 26.45 8.42 -32.75
N PRO A 111 26.06 7.95 -33.94
CA PRO A 111 24.97 8.62 -34.67
C PRO A 111 23.56 8.22 -34.28
N THR A 112 23.36 6.94 -33.98
CA THR A 112 22.03 6.40 -33.73
C THR A 112 21.96 5.98 -32.27
N MET A 113 20.74 5.74 -31.81
CA MET A 113 20.49 5.31 -30.44
C MET A 113 19.14 4.61 -30.38
N ASN A 114 19.04 3.59 -29.53
CA ASN A 114 17.78 2.91 -29.28
C ASN A 114 17.05 3.62 -28.15
N ALA A 115 15.77 3.93 -28.37
CA ALA A 115 14.99 4.72 -27.44
C ALA A 115 13.89 3.88 -26.80
N LEU A 116 13.37 4.37 -25.68
CA LEU A 116 12.31 3.71 -24.94
C LEU A 116 11.44 4.77 -24.27
N GLY A 117 10.13 4.67 -24.48
CA GLY A 117 9.18 5.59 -23.88
C GLY A 117 8.21 4.84 -22.98
N PHE A 118 7.83 5.48 -21.89
CA PHE A 118 6.95 4.88 -20.89
C PHE A 118 5.77 5.81 -20.62
N CYS A 119 4.59 5.22 -20.52
CA CYS A 119 3.36 5.96 -20.24
C CYS A 119 3.32 7.14 -21.20
N VAL A 120 3.19 8.36 -20.67
CA VAL A 120 3.24 9.54 -21.54
C VAL A 120 4.55 9.75 -22.30
N GLY A 121 5.66 9.24 -21.78
CA GLY A 121 6.93 9.32 -22.48
C GLY A 121 6.92 8.58 -23.81
N GLY A 122 5.98 7.65 -23.99
CA GLY A 122 5.81 7.04 -25.30
C GLY A 122 5.10 7.96 -26.28
N VAL A 123 4.17 8.78 -25.78
CA VAL A 123 3.51 9.76 -26.64
C VAL A 123 4.49 10.86 -27.04
N ILE A 124 5.19 11.42 -26.05
CA ILE A 124 6.24 12.39 -26.35
C ILE A 124 7.29 11.78 -27.27
N LEU A 125 7.60 10.49 -27.04
CA LEU A 125 8.59 9.81 -27.86
C LEU A 125 8.14 9.70 -29.32
N THR A 126 6.89 9.28 -29.54
CA THR A 126 6.44 9.08 -30.91
C THR A 126 6.25 10.41 -31.64
N THR A 127 5.77 11.44 -30.93
CA THR A 127 5.71 12.77 -31.56
C THR A 127 7.10 13.25 -31.93
N ALA A 128 8.08 13.03 -31.04
CA ALA A 128 9.46 13.39 -31.37
C ALA A 128 9.99 12.56 -32.53
N LEU A 129 9.51 11.33 -32.70
CA LEU A 129 9.91 10.54 -33.85
C LEU A 129 9.33 11.10 -35.14
N CYS A 130 8.10 11.63 -35.08
CA CYS A 130 7.49 12.22 -36.26
C CYS A 130 8.19 13.51 -36.65
N VAL A 131 8.41 14.41 -35.69
CA VAL A 131 9.17 15.63 -35.98
C VAL A 131 10.60 15.28 -36.37
N ALA A 132 11.11 14.13 -35.93
CA ALA A 132 12.43 13.67 -36.34
C ALA A 132 12.45 13.10 -37.75
N GLN A 133 11.30 12.64 -38.25
CA GLN A 133 11.20 12.22 -39.64
C GLN A 133 10.79 13.35 -40.58
N ALA A 134 10.31 14.46 -40.04
CA ALA A 134 9.94 15.59 -40.90
C ALA A 134 11.16 16.44 -41.27
N LYS A 135 12.11 16.58 -40.34
CA LYS A 135 13.25 17.47 -40.53
C LYS A 135 14.54 16.71 -40.79
N GLY A 136 14.45 15.43 -41.15
CA GLY A 136 15.63 14.66 -41.49
C GLY A 136 16.61 14.46 -40.37
N LEU A 137 16.17 14.59 -39.12
CA LEU A 137 17.05 14.42 -37.97
C LEU A 137 17.23 12.93 -37.71
N LYS A 138 18.42 12.40 -38.03
CA LYS A 138 18.73 10.99 -37.82
C LYS A 138 19.21 10.82 -36.38
N TYR A 139 18.27 10.49 -35.49
CA TYR A 139 18.56 10.32 -34.07
C TYR A 139 18.39 8.89 -33.58
N PHE A 140 17.33 8.21 -34.00
CA PHE A 140 16.97 6.90 -33.45
C PHE A 140 16.92 5.84 -34.54
N ASP A 141 17.37 4.64 -34.20
CA ASP A 141 17.26 3.47 -35.07
C ASP A 141 16.39 2.39 -34.45
N SER A 142 15.76 2.66 -33.31
CA SER A 142 14.87 1.72 -32.66
C SER A 142 13.89 2.51 -31.79
N ALA A 143 12.74 1.90 -31.54
CA ALA A 143 11.72 2.51 -30.70
C ALA A 143 11.08 1.44 -29.84
N THR A 144 10.60 1.85 -28.66
CA THR A 144 9.96 0.94 -27.73
C THR A 144 8.94 1.72 -26.90
N PHE A 145 7.78 1.11 -26.70
CA PHE A 145 6.65 1.75 -26.03
C PHE A 145 6.13 0.83 -24.94
N MET A 146 6.15 1.30 -23.70
CA MET A 146 5.68 0.54 -22.55
C MET A 146 4.32 1.07 -22.11
N THR A 147 3.28 0.26 -22.32
CA THR A 147 1.93 0.56 -21.83
C THR A 147 1.47 1.95 -22.24
N SER A 148 1.99 2.45 -23.35
CA SER A 148 1.61 3.76 -23.86
C SER A 148 0.59 3.61 -24.98
N LEU A 149 -0.28 4.60 -25.10
CA LEU A 149 -1.37 4.58 -26.06
C LEU A 149 -1.00 5.40 -27.28
N ILE A 150 -0.97 4.77 -28.45
CA ILE A 150 -0.86 5.49 -29.71
C ILE A 150 -2.23 5.90 -30.24
N ASP A 151 -3.22 5.01 -30.09
CA ASP A 151 -4.61 5.30 -30.42
C ASP A 151 -5.34 5.62 -29.12
N HIS A 152 -5.76 6.87 -28.97
CA HIS A 152 -6.41 7.32 -27.75
C HIS A 152 -7.93 7.31 -27.84
N ALA A 153 -8.49 7.12 -29.03
CA ALA A 153 -9.87 6.64 -29.11
C ALA A 153 -9.91 5.27 -28.44
N GLU A 154 -11.07 4.94 -27.88
CA GLU A 154 -11.20 3.78 -27.00
C GLU A 154 -10.21 3.93 -25.84
N PRO A 155 -10.35 4.98 -24.99
CA PRO A 155 -9.39 5.12 -23.88
C PRO A 155 -9.78 4.29 -22.68
N GLY A 156 -9.20 4.58 -21.52
CA GLY A 156 -9.51 3.89 -20.30
C GLY A 156 -10.53 4.64 -19.46
N GLU A 157 -10.53 4.32 -18.16
CA GLU A 157 -11.43 4.99 -17.22
C GLU A 157 -11.06 6.46 -17.01
N ILE A 158 -9.94 6.92 -17.56
CA ILE A 158 -9.52 8.31 -17.41
C ILE A 158 -10.63 9.25 -17.88
N SER A 159 -11.36 8.85 -18.92
CA SER A 159 -12.43 9.70 -19.46
C SER A 159 -13.50 10.01 -18.42
N PHE A 160 -13.69 9.11 -17.45
CA PHE A 160 -14.69 9.35 -16.41
C PHE A 160 -14.29 10.48 -15.46
N PHE A 161 -13.04 10.93 -15.49
CA PHE A 161 -12.57 11.96 -14.58
C PHE A 161 -11.97 13.16 -15.30
N ILE A 162 -12.34 13.37 -16.56
CA ILE A 162 -11.87 14.50 -17.36
C ILE A 162 -13.02 15.50 -17.48
N ASP A 163 -12.75 16.74 -17.09
CA ASP A 163 -13.74 17.81 -17.14
C ASP A 163 -13.57 18.59 -18.44
N GLU A 164 -14.60 18.56 -19.28
CA GLU A 164 -14.56 19.29 -20.54
C GLU A 164 -14.57 20.79 -20.30
N ALA A 165 -15.43 21.26 -19.37
CA ALA A 165 -15.52 22.70 -19.10
C ALA A 165 -14.24 23.24 -18.52
N LEU A 166 -13.51 22.44 -17.75
CA LEU A 166 -12.23 22.89 -17.20
C LEU A 166 -11.17 23.01 -18.30
N VAL A 167 -11.14 22.04 -19.21
CA VAL A 167 -10.19 22.11 -20.32
C VAL A 167 -10.49 23.30 -21.21
N ALA A 168 -11.78 23.57 -21.45
CA ALA A 168 -12.15 24.74 -22.25
C ALA A 168 -11.79 26.03 -21.54
N SER A 169 -12.07 26.12 -20.24
CA SER A 169 -11.72 27.31 -19.48
C SER A 169 -10.21 27.54 -19.46
N ARG A 170 -9.42 26.46 -19.48
CA ARG A 170 -7.97 26.61 -19.58
C ARG A 170 -7.57 27.00 -20.99
N GLU A 171 -8.33 26.60 -22.00
CA GLU A 171 -8.09 27.08 -23.36
C GLU A 171 -8.43 28.55 -23.50
N ALA A 172 -9.30 29.08 -22.65
CA ALA A 172 -9.58 30.51 -22.67
C ALA A 172 -8.38 31.31 -22.18
N LYS A 173 -7.64 30.76 -21.21
CA LYS A 173 -6.45 31.43 -20.69
C LYS A 173 -5.19 30.69 -21.11
N MET A 174 -5.11 30.33 -22.40
CA MET A 174 -3.97 29.55 -22.89
C MET A 174 -2.67 30.30 -22.71
N ALA A 175 -2.65 31.58 -23.05
CA ALA A 175 -1.48 32.41 -22.79
C ALA A 175 -1.36 32.67 -21.29
N ALA A 176 -0.12 32.72 -20.80
CA ALA A 176 0.17 32.87 -19.37
C ALA A 176 -0.51 31.78 -18.56
N GLY A 177 -0.43 30.55 -19.04
CA GLY A 177 -1.06 29.44 -18.34
C GLY A 177 -0.43 29.17 -16.99
N GLY A 178 -1.22 28.58 -16.10
CA GLY A 178 -0.77 28.27 -14.76
C GLY A 178 0.00 26.97 -14.68
N ILE A 179 -0.11 26.31 -13.53
CA ILE A 179 0.57 25.06 -13.27
C ILE A 179 -0.43 24.07 -12.71
N ILE A 180 -0.48 22.88 -13.27
CA ILE A 180 -1.43 21.86 -12.84
C ILE A 180 -0.88 21.19 -11.58
N SER A 181 -1.66 21.25 -10.50
CA SER A 181 -1.23 20.66 -9.24
C SER A 181 -1.17 19.14 -9.35
N GLY A 182 -0.29 18.54 -8.56
CA GLY A 182 -0.19 17.09 -8.52
C GLY A 182 -1.42 16.41 -7.99
N LYS A 183 -2.27 17.16 -7.26
CA LYS A 183 -3.51 16.58 -6.74
C LYS A 183 -4.44 16.16 -7.87
N GLU A 184 -4.64 17.05 -8.86
CA GLU A 184 -5.52 16.75 -9.98
C GLU A 184 -4.96 15.61 -10.83
N ILE A 185 -3.67 15.68 -11.17
CA ILE A 185 -3.04 14.61 -11.92
C ILE A 185 -3.12 13.30 -11.16
N GLY A 186 -3.17 13.36 -9.82
CA GLY A 186 -3.40 12.16 -9.05
C GLY A 186 -4.85 11.68 -9.15
N ARG A 187 -5.80 12.62 -9.22
CA ARG A 187 -7.19 12.23 -9.43
C ARG A 187 -7.38 11.54 -10.78
N THR A 188 -6.57 11.92 -11.77
CA THR A 188 -6.73 11.39 -13.12
C THR A 188 -5.85 10.17 -13.40
N PHE A 189 -4.77 9.99 -12.64
CA PHE A 189 -3.82 8.92 -12.95
C PHE A 189 -3.45 8.08 -11.73
N ALA A 190 -2.89 8.72 -10.70
CA ALA A 190 -2.27 7.97 -9.60
C ALA A 190 -3.31 7.15 -8.83
N SER A 191 -4.48 7.72 -8.56
CA SER A 191 -5.47 7.00 -7.77
C SER A 191 -5.95 5.75 -8.49
N LEU A 192 -6.19 5.84 -9.79
CA LEU A 192 -6.65 4.68 -10.55
C LEU A 192 -5.59 3.60 -10.62
N ARG A 193 -4.33 3.99 -10.80
CA ARG A 193 -3.24 3.02 -10.75
C ARG A 193 -3.13 2.38 -9.37
N ALA A 194 -3.48 3.12 -8.32
CA ALA A 194 -3.49 2.55 -6.98
C ALA A 194 -4.60 1.51 -6.85
N ASN A 195 -5.78 1.80 -7.38
CA ASN A 195 -6.88 0.84 -7.34
C ASN A 195 -6.51 -0.42 -8.11
N ASP A 196 -5.92 -0.28 -9.31
CA ASP A 196 -5.56 -1.45 -10.09
C ASP A 196 -4.42 -2.23 -9.44
N LEU A 197 -3.49 -1.53 -8.78
CA LEU A 197 -2.38 -2.22 -8.11
C LEU A 197 -2.86 -3.01 -6.90
N VAL A 198 -3.77 -2.42 -6.12
CA VAL A 198 -4.32 -3.13 -4.96
C VAL A 198 -5.15 -4.33 -5.42
N TRP A 199 -6.06 -4.09 -6.37
CA TRP A 199 -6.90 -5.17 -6.88
C TRP A 199 -6.06 -6.31 -7.43
N ASN A 200 -5.11 -6.00 -8.31
CA ASN A 200 -4.27 -7.05 -8.88
C ASN A 200 -3.40 -7.73 -7.83
N TYR A 201 -3.02 -7.01 -6.78
CA TYR A 201 -2.27 -7.65 -5.71
C TYR A 201 -3.13 -8.66 -4.96
N VAL A 202 -4.39 -8.30 -4.66
CA VAL A 202 -5.29 -9.24 -3.99
C VAL A 202 -5.55 -10.45 -4.89
N VAL A 203 -5.69 -10.21 -6.20
CA VAL A 203 -5.90 -11.31 -7.14
C VAL A 203 -4.70 -12.26 -7.13
N ASN A 204 -3.49 -11.70 -7.24
CA ASN A 204 -2.28 -12.51 -7.19
C ASN A 204 -2.12 -13.21 -5.84
N ASN A 205 -2.69 -12.68 -4.77
CA ASN A 205 -2.69 -13.38 -3.49
C ASN A 205 -3.78 -14.45 -3.42
N TYR A 206 -4.79 -14.38 -4.28
CA TYR A 206 -5.75 -15.48 -4.38
C TYR A 206 -5.19 -16.63 -5.21
N LEU A 207 -4.59 -16.32 -6.36
CA LEU A 207 -4.02 -17.36 -7.22
C LEU A 207 -2.86 -18.05 -6.53
N LEU A 208 -1.72 -17.37 -6.43
CA LEU A 208 -0.55 -17.91 -5.76
C LEU A 208 -0.61 -17.59 -4.26
N GLY A 209 0.33 -18.16 -3.52
CA GLY A 209 0.45 -17.86 -2.11
C GLY A 209 0.75 -16.39 -1.87
N LYS A 210 0.61 -16.00 -0.60
CA LYS A 210 0.84 -14.60 -0.25
C LYS A 210 2.27 -14.19 -0.58
N THR A 211 2.40 -13.13 -1.38
CA THR A 211 3.66 -12.55 -1.79
C THR A 211 3.86 -11.22 -1.06
N PRO A 212 5.11 -10.83 -0.80
CA PRO A 212 5.35 -9.55 -0.10
C PRO A 212 4.73 -8.38 -0.84
N ALA A 213 4.10 -7.50 -0.09
CA ALA A 213 3.43 -6.34 -0.67
C ALA A 213 4.47 -5.36 -1.21
N PRO A 214 4.26 -4.82 -2.40
CA PRO A 214 5.24 -3.88 -2.97
C PRO A 214 5.02 -2.45 -2.52
N PHE A 215 5.60 -2.08 -1.37
CA PHE A 215 5.45 -0.72 -0.88
C PHE A 215 6.22 0.28 -1.73
N ASP A 216 7.27 -0.16 -2.43
CA ASP A 216 8.02 0.75 -3.28
C ASP A 216 7.17 1.29 -4.42
N LEU A 217 6.33 0.43 -5.01
CA LEU A 217 5.42 0.88 -6.06
C LEU A 217 4.48 1.96 -5.54
N LEU A 218 3.87 1.72 -4.38
CA LEU A 218 2.96 2.72 -3.80
C LEU A 218 3.69 4.01 -3.47
N TYR A 219 4.96 3.91 -3.04
CA TYR A 219 5.72 5.11 -2.76
C TYR A 219 6.00 5.91 -4.02
N TRP A 220 6.30 5.21 -5.13
CA TRP A 220 6.47 5.90 -6.40
C TRP A 220 5.17 6.55 -6.86
N ASN A 221 4.04 5.88 -6.58
CA ASN A 221 2.75 6.40 -7.04
C ASN A 221 2.31 7.60 -6.21
N ASN A 222 2.63 7.61 -4.91
CA ASN A 222 2.20 8.72 -4.05
C ASN A 222 3.05 9.95 -4.21
N ASP A 223 4.27 9.83 -4.74
CA ASP A 223 5.17 10.97 -4.92
C ASP A 223 4.82 11.64 -6.24
N ALA A 224 3.90 12.59 -6.18
CA ALA A 224 3.37 13.24 -7.36
C ALA A 224 4.12 14.53 -7.68
N VAL A 225 4.16 14.86 -8.96
CA VAL A 225 4.77 16.11 -9.43
C VAL A 225 3.70 16.97 -10.08
N ASP A 226 4.09 18.15 -10.54
CA ASP A 226 3.20 19.09 -11.20
C ASP A 226 3.56 19.21 -12.67
N LEU A 227 2.68 19.85 -13.42
CA LEU A 227 2.86 20.03 -14.86
C LEU A 227 2.33 21.39 -15.28
N PRO A 228 2.89 21.98 -16.34
CA PRO A 228 2.38 23.25 -16.84
C PRO A 228 0.99 23.11 -17.43
N LEU A 229 0.24 24.21 -17.40
CA LEU A 229 -1.15 24.23 -17.88
C LEU A 229 -1.25 24.09 -19.40
N PRO A 230 -0.42 24.77 -20.20
CA PRO A 230 -0.54 24.59 -21.66
C PRO A 230 -0.29 23.17 -22.13
N MET A 231 0.76 22.52 -21.60
CA MET A 231 1.10 21.17 -22.06
C MET A 231 0.09 20.16 -21.57
N HIS A 232 -0.33 20.26 -20.30
CA HIS A 232 -1.29 19.29 -19.76
C HIS A 232 -2.67 19.48 -20.40
N THR A 233 -3.14 20.72 -20.51
CA THR A 233 -4.40 20.98 -21.18
C THR A 233 -4.35 20.55 -22.64
N PHE A 234 -3.19 20.74 -23.29
CA PHE A 234 -3.02 20.23 -24.64
C PHE A 234 -3.12 18.71 -24.69
N MET A 235 -2.60 18.05 -23.66
CA MET A 235 -2.66 16.58 -23.62
C MET A 235 -4.09 16.10 -23.44
N LEU A 236 -4.83 16.71 -22.51
CA LEU A 236 -6.21 16.28 -22.28
C LEU A 236 -7.11 16.63 -23.45
N ARG A 237 -6.83 17.74 -24.13
CA ARG A 237 -7.71 18.19 -25.22
C ARG A 237 -7.44 17.43 -26.52
N GLN A 238 -6.16 17.28 -26.89
CA GLN A 238 -5.83 16.75 -28.20
C GLN A 238 -5.68 15.23 -28.23
N PHE A 239 -5.54 14.58 -27.07
CA PHE A 239 -5.31 13.14 -27.02
C PHE A 239 -6.48 12.41 -26.38
N TYR A 240 -6.74 12.62 -25.10
CA TYR A 240 -7.77 11.85 -24.40
C TYR A 240 -9.18 12.28 -24.77
N ILE A 241 -9.37 13.38 -25.51
CA ILE A 241 -10.69 13.81 -25.91
C ILE A 241 -10.80 13.79 -27.43
N ASN A 242 -10.10 14.72 -28.09
CA ASN A 242 -10.18 14.78 -29.56
C ASN A 242 -9.47 13.60 -30.22
N ASN A 243 -8.41 13.09 -29.60
CA ASN A 243 -7.61 12.01 -30.19
C ASN A 243 -7.14 12.40 -31.59
N ALA A 244 -6.15 13.28 -31.67
CA ALA A 244 -5.65 13.77 -32.95
C ALA A 244 -4.49 12.94 -33.48
N LEU A 245 -4.27 11.74 -32.95
CA LEU A 245 -3.23 10.86 -33.45
C LEU A 245 -3.72 9.89 -34.52
N ILE A 246 -5.02 9.60 -34.54
CA ILE A 246 -5.56 8.70 -35.56
C ILE A 246 -5.80 9.45 -36.87
N THR A 247 -6.06 10.76 -36.80
CA THR A 247 -6.32 11.56 -37.99
C THR A 247 -5.01 12.20 -38.43
N PRO A 248 -4.41 11.76 -39.54
CA PRO A 248 -3.14 12.35 -39.98
C PRO A 248 -3.28 13.83 -40.29
N GLY A 249 -2.46 14.64 -39.63
CA GLY A 249 -2.46 16.07 -39.83
C GLY A 249 -3.46 16.84 -38.99
N ALA A 250 -4.29 16.16 -38.19
CA ALA A 250 -5.25 16.84 -37.34
C ALA A 250 -4.58 17.66 -36.25
N ILE A 251 -3.32 17.34 -35.93
CA ILE A 251 -2.57 18.04 -34.91
C ILE A 251 -1.29 18.59 -35.53
N THR A 252 -0.83 19.72 -35.02
CA THR A 252 0.35 20.38 -35.58
C THR A 252 1.10 21.09 -34.47
N LEU A 253 2.32 20.65 -34.21
CA LEU A 253 3.20 21.25 -33.21
C LEU A 253 4.61 21.36 -33.76
N CYS A 254 5.37 22.29 -33.19
CA CYS A 254 6.75 22.56 -33.62
C CYS A 254 6.80 22.92 -35.10
N GLY A 255 5.73 23.52 -35.61
CA GLY A 255 5.63 23.84 -37.03
C GLY A 255 5.61 22.62 -37.93
N VAL A 256 5.06 21.50 -37.46
CA VAL A 256 5.07 20.24 -38.21
C VAL A 256 3.74 19.52 -38.04
N PRO A 257 3.13 19.02 -39.12
CA PRO A 257 1.99 18.12 -38.97
C PRO A 257 2.46 16.70 -38.68
N ILE A 258 1.61 15.95 -37.96
CA ILE A 258 2.02 14.67 -37.40
C ILE A 258 1.16 13.55 -38.01
N ASP A 259 1.80 12.64 -38.72
CA ASP A 259 1.17 11.44 -39.24
C ASP A 259 1.97 10.23 -38.78
N ILE A 260 1.26 9.17 -38.37
CA ILE A 260 1.94 8.02 -37.77
C ILE A 260 2.57 7.13 -38.84
N SER A 261 1.97 7.07 -40.03
CA SER A 261 2.45 6.16 -41.08
C SER A 261 3.88 6.46 -41.48
N LYS A 262 4.34 7.70 -41.28
CA LYS A 262 5.66 8.09 -41.76
C LYS A 262 6.77 7.35 -41.02
N ILE A 263 6.56 7.08 -39.73
CA ILE A 263 7.57 6.44 -38.88
C ILE A 263 8.10 5.18 -39.53
N ASP A 264 9.40 5.15 -39.80
CA ASP A 264 10.06 4.04 -40.48
C ASP A 264 11.08 3.36 -39.57
N ILE A 265 10.86 3.42 -38.27
CA ILE A 265 11.80 2.88 -37.30
C ILE A 265 11.25 1.57 -36.74
N PRO A 266 12.06 0.54 -36.59
CA PRO A 266 11.57 -0.70 -35.96
C PRO A 266 11.01 -0.42 -34.57
N VAL A 267 9.79 -0.89 -34.33
CA VAL A 267 9.03 -0.54 -33.13
C VAL A 267 8.77 -1.80 -32.31
N TYR A 268 9.08 -1.73 -31.02
CA TYR A 268 8.75 -2.75 -30.04
C TYR A 268 7.70 -2.18 -29.10
N MET A 269 6.61 -2.90 -28.90
CA MET A 269 5.52 -2.42 -28.06
C MET A 269 5.16 -3.47 -27.03
N PHE A 270 5.03 -3.03 -25.78
CA PHE A 270 4.65 -3.88 -24.65
C PHE A 270 3.38 -3.32 -24.04
N ALA A 271 2.50 -4.22 -23.59
CA ALA A 271 1.23 -3.78 -23.00
C ALA A 271 0.77 -4.79 -21.97
N ALA A 272 0.59 -4.34 -20.74
CA ALA A 272 0.15 -5.21 -19.66
C ALA A 272 -1.25 -5.73 -19.92
N ARG A 273 -1.46 -7.03 -19.67
CA ARG A 273 -2.75 -7.66 -19.98
C ARG A 273 -3.80 -7.33 -18.92
N GLU A 274 -3.51 -7.64 -17.66
CA GLU A 274 -4.45 -7.39 -16.57
C GLU A 274 -4.52 -5.91 -16.22
N ASN A 275 -4.31 -5.04 -17.20
CA ASN A 275 -4.36 -3.60 -17.00
C ASN A 275 -5.81 -3.15 -17.11
N HIS A 276 -6.43 -2.87 -15.97
CA HIS A 276 -7.84 -2.51 -15.94
C HIS A 276 -8.08 -1.03 -16.19
N ILE A 277 -7.12 -0.17 -15.87
CA ILE A 277 -7.30 1.25 -16.10
C ILE A 277 -7.27 1.57 -17.59
N VAL A 278 -6.40 0.91 -18.34
CA VAL A 278 -6.33 1.04 -19.79
C VAL A 278 -6.13 -0.36 -20.35
N LEU A 279 -7.18 -0.91 -20.98
CA LEU A 279 -7.10 -2.27 -21.49
C LEU A 279 -6.08 -2.37 -22.63
N TRP A 280 -5.42 -3.52 -22.70
CA TRP A 280 -4.35 -3.72 -23.67
C TRP A 280 -4.84 -3.70 -25.11
N SER A 281 -6.15 -3.77 -25.35
CA SER A 281 -6.66 -3.68 -26.71
C SER A 281 -6.47 -2.29 -27.28
N SER A 282 -6.55 -1.26 -26.43
CA SER A 282 -6.33 0.11 -26.91
C SER A 282 -4.87 0.34 -27.28
N ALA A 283 -3.95 -0.28 -26.54
CA ALA A 283 -2.54 -0.18 -26.90
C ALA A 283 -2.24 -1.01 -28.15
N TYR A 284 -2.85 -2.19 -28.26
CA TYR A 284 -2.68 -3.01 -29.45
C TYR A 284 -3.34 -2.38 -30.68
N SER A 285 -4.27 -1.46 -30.49
CA SER A 285 -4.94 -0.77 -31.58
C SER A 285 -4.07 0.31 -32.22
N GLY A 286 -2.76 0.29 -31.98
CA GLY A 286 -1.87 1.30 -32.53
C GLY A 286 -0.95 0.75 -33.60
N LEU A 287 -0.62 -0.53 -33.52
CA LEU A 287 0.32 -1.13 -34.48
C LEU A 287 -0.25 -1.09 -35.90
N LYS A 288 -1.57 -1.09 -36.04
CA LYS A 288 -2.18 -1.00 -37.35
C LYS A 288 -2.01 0.36 -37.99
N TYR A 289 -1.60 1.38 -37.23
CA TYR A 289 -1.33 2.70 -37.76
C TYR A 289 0.16 2.94 -38.00
N LEU A 290 1.01 1.95 -37.72
CA LEU A 290 2.44 2.04 -37.99
C LEU A 290 2.77 1.33 -39.30
N SER A 291 2.16 1.82 -40.38
CA SER A 291 2.30 1.15 -41.67
C SER A 291 3.70 1.32 -42.25
N GLY A 292 4.36 2.45 -42.00
CA GLY A 292 5.68 2.69 -42.53
C GLY A 292 6.82 2.02 -41.78
N THR A 293 6.56 1.53 -40.58
CA THR A 293 7.61 0.86 -39.82
C THR A 293 7.97 -0.47 -40.47
N PRO A 294 9.25 -0.74 -40.73
CA PRO A 294 9.60 -2.03 -41.34
C PRO A 294 9.42 -3.21 -40.40
N SER A 295 9.77 -3.05 -39.13
CA SER A 295 9.65 -4.10 -38.14
C SER A 295 8.67 -3.68 -37.06
N ARG A 296 7.97 -4.66 -36.50
CA ARG A 296 7.03 -4.42 -35.40
C ARG A 296 7.02 -5.63 -34.48
N ARG A 297 6.91 -5.37 -33.19
CA ARG A 297 6.80 -6.43 -32.19
C ARG A 297 5.77 -6.02 -31.15
N PHE A 298 5.02 -7.00 -30.64
CA PHE A 298 4.05 -6.76 -29.59
C PHE A 298 4.19 -7.84 -28.53
N VAL A 299 4.15 -7.43 -27.26
CA VAL A 299 4.34 -8.33 -26.13
C VAL A 299 3.27 -8.05 -25.08
N LEU A 300 2.55 -9.11 -24.70
CA LEU A 300 1.53 -9.03 -23.67
C LEU A 300 2.15 -9.28 -22.30
N GLY A 301 1.97 -8.31 -21.39
CA GLY A 301 2.55 -8.39 -20.07
C GLY A 301 1.55 -8.93 -19.07
N ALA A 302 2.06 -9.58 -18.03
CA ALA A 302 1.22 -10.51 -17.28
C ALA A 302 0.35 -9.76 -16.26
N SER A 303 0.88 -8.70 -15.64
CA SER A 303 0.18 -8.05 -14.53
C SER A 303 -0.34 -6.68 -14.92
N GLY A 304 -0.50 -5.81 -13.94
CA GLY A 304 -1.07 -4.49 -14.15
C GLY A 304 -0.07 -3.50 -14.68
N HIS A 305 -0.42 -2.23 -14.60
CA HIS A 305 0.42 -1.19 -15.10
C HIS A 305 1.73 -1.06 -14.41
N ILE A 306 1.69 -0.98 -13.09
CA ILE A 306 2.94 -0.88 -12.34
C ILE A 306 3.58 -2.26 -12.19
N ALA A 307 2.81 -3.23 -11.69
CA ALA A 307 3.37 -4.54 -11.38
C ALA A 307 3.80 -5.28 -12.64
N GLY A 308 3.04 -5.15 -13.73
CA GLY A 308 3.39 -5.82 -14.96
C GLY A 308 4.39 -5.06 -15.81
N SER A 309 4.35 -3.73 -15.75
CA SER A 309 5.35 -2.94 -16.47
C SER A 309 6.75 -3.19 -15.92
N ILE A 310 6.86 -3.42 -14.62
CA ILE A 310 8.14 -3.63 -13.96
C ILE A 310 8.13 -5.04 -13.39
N ASN A 311 8.73 -5.98 -14.11
CA ASN A 311 8.95 -7.33 -13.60
C ASN A 311 10.44 -7.63 -13.67
N PRO A 312 11.11 -7.78 -12.53
CA PRO A 312 12.56 -7.98 -12.56
C PRO A 312 12.95 -9.33 -13.15
N VAL A 313 14.04 -9.32 -13.92
CA VAL A 313 14.54 -10.57 -14.50
C VAL A 313 15.18 -11.43 -13.41
N THR A 314 15.84 -10.80 -12.44
CA THR A 314 16.46 -11.54 -11.35
C THR A 314 15.44 -12.28 -10.49
N LYS A 315 14.15 -12.04 -10.67
CA LYS A 315 13.09 -12.76 -10.00
C LYS A 315 12.32 -13.69 -10.90
N ASP A 316 11.96 -13.25 -12.10
CA ASP A 316 11.18 -14.04 -13.06
C ASP A 316 9.91 -14.59 -12.41
N LYS A 317 8.97 -13.66 -12.20
CA LYS A 317 7.77 -13.96 -11.43
C LYS A 317 6.60 -14.44 -12.29
N ARG A 318 6.40 -13.84 -13.46
CA ARG A 318 5.25 -14.18 -14.28
C ARG A 318 5.67 -14.26 -15.75
N ASN A 319 4.70 -14.58 -16.60
CA ASN A 319 4.94 -14.92 -18.00
C ASN A 319 4.70 -13.70 -18.89
N TYR A 320 4.77 -13.92 -20.20
CA TYR A 320 4.44 -12.90 -21.19
C TYR A 320 4.14 -13.60 -22.51
N TRP A 321 3.36 -12.94 -23.37
CA TRP A 321 2.89 -13.55 -24.61
C TRP A 321 3.46 -12.83 -25.81
N THR A 322 3.92 -13.61 -26.79
CA THR A 322 4.54 -13.06 -27.99
C THR A 322 4.13 -13.87 -29.22
N ASN A 323 3.99 -13.16 -30.35
CA ASN A 323 3.85 -13.74 -31.68
C ASN A 323 3.97 -12.63 -32.70
N GLU A 324 4.41 -12.99 -33.91
CA GLU A 324 4.69 -11.99 -34.94
C GLU A 324 3.45 -11.53 -35.69
N GLN A 325 2.38 -12.34 -35.69
CA GLN A 325 1.17 -11.96 -36.42
C GLN A 325 0.57 -10.67 -35.83
N LEU A 326 -0.10 -9.91 -36.69
CA LEU A 326 -0.71 -8.63 -36.30
C LEU A 326 -2.04 -8.46 -37.03
N PRO A 327 -3.07 -9.17 -36.60
CA PRO A 327 -4.40 -9.02 -37.21
C PRO A 327 -5.08 -7.75 -36.72
N VAL A 328 -6.25 -7.48 -37.30
CA VAL A 328 -7.03 -6.30 -36.92
C VAL A 328 -7.76 -6.54 -35.60
N ASN A 329 -8.13 -7.79 -35.31
CA ASN A 329 -8.82 -8.12 -34.07
C ASN A 329 -7.81 -8.61 -33.03
N PRO A 330 -7.79 -8.02 -31.83
CA PRO A 330 -6.77 -8.41 -30.85
C PRO A 330 -6.93 -9.84 -30.34
N GLU A 331 -8.15 -10.36 -30.27
CA GLU A 331 -8.34 -11.73 -29.80
C GLU A 331 -7.69 -12.74 -30.75
N GLU A 332 -7.64 -12.42 -32.04
CA GLU A 332 -6.91 -13.26 -32.98
C GLU A 332 -5.42 -13.26 -32.67
N TRP A 333 -4.89 -12.11 -32.23
CA TRP A 333 -3.50 -12.06 -31.78
C TRP A 333 -3.31 -12.91 -30.52
N LEU A 334 -4.28 -12.86 -29.60
CA LEU A 334 -4.14 -13.58 -28.34
C LEU A 334 -4.23 -15.09 -28.53
N GLU A 335 -5.05 -15.55 -29.47
CA GLU A 335 -5.18 -17.00 -29.69
C GLU A 335 -3.89 -17.58 -30.25
N GLY A 336 -3.35 -16.97 -31.30
CA GLY A 336 -2.12 -17.44 -31.90
C GLY A 336 -0.87 -16.91 -31.21
N ALA A 337 -0.97 -16.70 -29.91
CA ALA A 337 0.13 -16.16 -29.13
C ALA A 337 0.84 -17.28 -28.36
N GLN A 338 2.16 -17.21 -28.32
CA GLN A 338 2.97 -18.18 -27.60
C GLN A 338 3.36 -17.61 -26.24
N SER A 339 3.21 -18.42 -25.20
CA SER A 339 3.52 -18.00 -23.84
C SER A 339 4.96 -18.33 -23.50
N HIS A 340 5.61 -17.43 -22.76
CA HIS A 340 6.99 -17.63 -22.34
C HIS A 340 7.08 -17.28 -20.85
N PRO A 341 7.74 -18.12 -20.05
CA PRO A 341 7.89 -17.82 -18.62
C PRO A 341 8.94 -16.75 -18.40
N GLY A 342 9.03 -16.32 -17.14
CA GLY A 342 9.97 -15.28 -16.78
C GLY A 342 9.56 -13.91 -17.27
N SER A 343 10.18 -12.86 -16.74
CA SER A 343 9.81 -11.51 -17.12
C SER A 343 10.14 -11.25 -18.59
N TRP A 344 9.41 -10.29 -19.17
CA TRP A 344 9.47 -10.05 -20.60
C TRP A 344 10.72 -9.28 -21.02
N TRP A 345 11.42 -8.64 -20.08
CA TRP A 345 12.58 -7.82 -20.43
C TRP A 345 13.57 -8.60 -21.29
N LYS A 346 13.85 -9.84 -20.92
CA LYS A 346 14.76 -10.68 -21.68
C LYS A 346 14.43 -10.68 -23.16
N ASP A 347 13.15 -10.86 -23.49
CA ASP A 347 12.72 -10.81 -24.89
C ASP A 347 13.15 -9.50 -25.54
N TRP A 348 12.80 -8.36 -24.92
CA TRP A 348 13.22 -7.08 -25.45
C TRP A 348 14.74 -7.01 -25.52
N ASP A 349 15.43 -7.60 -24.54
CA ASP A 349 16.88 -7.72 -24.61
C ASP A 349 17.31 -8.32 -25.94
N ALA A 350 16.75 -9.49 -26.27
CA ALA A 350 17.06 -10.10 -27.56
C ALA A 350 16.68 -9.16 -28.70
N TRP A 351 15.52 -8.50 -28.59
CA TRP A 351 15.08 -7.59 -29.65
C TRP A 351 16.02 -6.40 -29.79
N LEU A 352 16.87 -6.14 -28.80
CA LEU A 352 17.86 -5.08 -28.88
C LEU A 352 19.25 -5.60 -29.19
N ALA A 353 19.45 -6.93 -29.20
CA ALA A 353 20.81 -7.44 -29.37
C ALA A 353 21.38 -7.15 -30.75
N PRO A 354 20.70 -7.45 -31.88
CA PRO A 354 21.30 -7.16 -33.18
C PRO A 354 21.26 -5.68 -33.55
N GLN A 355 20.25 -4.97 -33.04
CA GLN A 355 20.13 -3.56 -33.37
C GLN A 355 21.20 -2.72 -32.69
N SER A 356 21.69 -3.15 -31.52
CA SER A 356 22.71 -2.40 -30.79
C SER A 356 24.09 -2.50 -31.43
N GLY A 357 24.23 -3.18 -32.57
CA GLY A 357 25.51 -3.28 -33.23
C GLY A 357 26.50 -4.15 -32.48
N LYS A 358 27.78 -3.94 -32.79
CA LYS A 358 28.85 -4.70 -32.18
C LYS A 358 29.07 -4.24 -30.73
N GLN A 359 30.02 -4.87 -30.06
CA GLN A 359 30.37 -4.50 -28.70
C GLN A 359 31.61 -3.62 -28.68
N VAL A 360 31.70 -2.77 -27.66
CA VAL A 360 32.81 -1.85 -27.48
C VAL A 360 33.13 -1.81 -25.98
N PRO A 361 34.41 -1.78 -25.59
CA PRO A 361 34.73 -1.67 -24.17
C PRO A 361 34.07 -0.44 -23.54
N ALA A 362 33.57 -0.63 -22.33
CA ALA A 362 32.77 0.40 -21.68
C ALA A 362 33.59 1.67 -21.48
N PRO A 363 33.00 2.85 -21.72
CA PRO A 363 33.74 4.10 -21.48
C PRO A 363 34.01 4.31 -20.00
N LYS A 364 35.29 4.19 -19.61
CA LYS A 364 35.69 4.33 -18.22
C LYS A 364 35.63 5.76 -17.71
N MET A 365 35.08 6.69 -18.49
CA MET A 365 34.92 8.07 -18.09
C MET A 365 33.47 8.47 -18.27
N LEU A 366 32.82 8.89 -17.19
CA LEU A 366 31.45 9.34 -17.27
C LEU A 366 31.39 10.75 -17.84
N GLY A 367 30.35 11.01 -18.63
CA GLY A 367 30.29 12.28 -19.35
C GLY A 367 31.31 12.30 -20.47
N SER A 368 31.97 13.43 -20.63
CA SER A 368 33.00 13.58 -21.65
C SER A 368 33.82 14.83 -21.32
N LYS A 369 34.80 15.12 -22.18
CA LYS A 369 35.58 16.34 -22.01
C LYS A 369 34.73 17.58 -22.19
N GLU A 370 33.64 17.48 -22.96
CA GLU A 370 32.73 18.59 -23.18
C GLU A 370 31.64 18.66 -22.10
N PHE A 371 31.08 17.51 -21.72
CA PHE A 371 30.04 17.44 -20.70
C PHE A 371 30.62 16.90 -19.41
N PRO A 372 30.95 17.74 -18.44
CA PRO A 372 31.47 17.24 -17.17
C PRO A 372 30.35 16.73 -16.28
N PRO A 373 30.56 15.62 -15.57
CA PRO A 373 29.55 15.16 -14.61
C PRO A 373 29.29 16.22 -13.54
N LEU A 374 28.04 16.66 -13.47
CA LEU A 374 27.67 17.73 -12.54
C LEU A 374 27.57 17.19 -11.11
N GLN A 375 26.56 16.37 -10.85
CA GLN A 375 26.37 15.73 -9.56
C GLN A 375 25.98 14.28 -9.77
N PRO A 376 26.32 13.40 -8.83
CA PRO A 376 25.97 11.98 -8.98
C PRO A 376 24.48 11.76 -9.00
N ALA A 377 24.08 10.61 -9.56
CA ALA A 377 22.69 10.21 -9.57
C ALA A 377 22.18 10.05 -8.13
N PRO A 378 20.87 10.24 -7.90
CA PRO A 378 19.78 10.49 -8.85
C PRO A 378 19.72 11.92 -9.39
N GLY A 379 20.35 12.86 -8.70
CA GLY A 379 20.32 14.25 -9.11
C GLY A 379 19.42 15.09 -8.23
N SER A 380 18.98 16.21 -8.81
CA SER A 380 18.22 17.22 -8.08
C SER A 380 16.75 17.29 -8.48
N TYR A 381 16.43 17.17 -9.77
CA TYR A 381 15.05 17.31 -10.19
C TYR A 381 14.16 16.20 -9.64
N VAL A 382 14.72 15.01 -9.44
CA VAL A 382 13.92 13.90 -8.93
C VAL A 382 13.51 14.14 -7.48
N LEU A 383 14.31 14.88 -6.73
CA LEU A 383 14.04 15.16 -5.33
C LEU A 383 13.07 16.32 -5.12
N ALA A 384 12.47 16.82 -6.20
CA ALA A 384 11.55 17.94 -6.08
C ALA A 384 10.27 17.54 -5.36
N LYS A 385 9.66 18.50 -4.69
CA LYS A 385 8.40 18.30 -3.99
C LYS A 385 7.32 19.15 -4.66
N ALA A 386 6.09 18.62 -4.65
CA ALA A 386 4.97 19.32 -5.26
C ALA A 386 4.70 20.64 -4.55
N MET A 387 4.10 21.57 -5.28
CA MET A 387 3.87 22.91 -4.74
C MET A 387 2.69 22.89 -3.77
N PRO A 388 2.79 23.60 -2.66
CA PRO A 388 1.68 23.64 -1.69
C PRO A 388 0.52 24.45 -2.22
N PRO A 389 -0.70 24.25 -1.69
CA PRO A 389 -1.86 25.01 -2.13
C PRO A 389 -1.78 26.48 -1.73
N ILE B 5 -11.49 -27.10 10.92
CA ILE B 5 -10.82 -28.01 10.01
C ILE B 5 -10.71 -29.40 10.65
N GLY B 6 -11.86 -29.94 11.03
CA GLY B 6 -11.91 -31.20 11.76
C GLY B 6 -11.39 -31.03 13.17
N LYS B 7 -12.08 -30.22 13.95
CA LYS B 7 -11.65 -29.84 15.28
C LYS B 7 -12.31 -30.71 16.34
N ASN B 8 -11.51 -31.18 17.30
CA ASN B 8 -11.96 -32.01 18.42
C ASN B 8 -11.49 -31.29 19.68
N LEU B 9 -12.35 -30.43 20.24
CA LEU B 9 -11.94 -29.55 21.32
C LEU B 9 -13.03 -29.45 22.37
N VAL B 10 -12.62 -28.97 23.55
CA VAL B 10 -13.50 -28.95 24.73
C VAL B 10 -14.42 -27.73 24.69
N VAL B 11 -15.49 -27.80 25.47
CA VAL B 11 -16.40 -26.68 25.68
C VAL B 11 -16.13 -26.08 27.04
N THR B 12 -16.33 -24.77 27.16
CA THR B 12 -16.13 -24.06 28.41
C THR B 12 -17.48 -23.63 28.97
N PRO B 13 -17.84 -24.05 30.18
CA PRO B 13 -19.18 -23.73 30.70
C PRO B 13 -19.29 -22.27 31.11
N GLY B 14 -20.47 -21.71 30.88
CA GLY B 14 -20.73 -20.33 31.24
C GLY B 14 -22.16 -19.90 30.99
N GLU B 15 -22.72 -19.11 31.90
CA GLU B 15 -24.08 -18.61 31.79
C GLU B 15 -24.08 -17.10 31.57
N VAL B 16 -25.14 -16.61 30.95
CA VAL B 16 -25.30 -15.18 30.71
C VAL B 16 -25.91 -14.55 31.95
N VAL B 17 -25.20 -13.60 32.55
CA VAL B 17 -25.65 -12.94 33.78
C VAL B 17 -26.10 -11.51 33.56
N PHE B 18 -25.78 -10.91 32.41
CA PHE B 18 -26.18 -9.54 32.11
C PHE B 18 -26.32 -9.37 30.61
N ARG B 19 -27.31 -8.59 30.20
CA ARG B 19 -27.60 -8.38 28.79
C ARG B 19 -28.10 -6.96 28.58
N ASN B 20 -27.77 -6.39 27.42
CA ASN B 20 -28.27 -5.07 27.06
C ASN B 20 -28.46 -4.96 25.56
N GLU B 21 -28.32 -3.76 25.01
CA GLU B 21 -28.51 -3.53 23.59
C GLU B 21 -27.28 -3.88 22.76
N LEU B 22 -26.12 -4.00 23.39
CA LEU B 22 -24.87 -4.13 22.64
C LEU B 22 -24.05 -5.35 23.05
N ILE B 23 -23.97 -5.66 24.34
CA ILE B 23 -23.07 -6.71 24.81
C ILE B 23 -23.84 -7.78 25.58
N GLU B 24 -23.13 -8.83 25.99
CA GLU B 24 -23.66 -9.86 26.86
C GLU B 24 -22.54 -10.31 27.79
N LEU B 25 -22.78 -10.23 29.10
CA LEU B 25 -21.76 -10.58 30.09
C LEU B 25 -21.90 -12.06 30.44
N ILE B 26 -20.83 -12.81 30.27
CA ILE B 26 -20.80 -14.25 30.52
C ILE B 26 -19.94 -14.51 31.75
N GLN B 27 -20.56 -15.03 32.81
CA GLN B 27 -19.85 -15.45 34.00
C GLN B 27 -19.54 -16.93 33.89
N TYR B 28 -18.25 -17.28 33.96
CA TYR B 28 -17.85 -18.66 33.82
C TYR B 28 -17.94 -19.39 35.15
N THR B 29 -18.43 -20.62 35.10
CA THR B 29 -18.63 -21.41 36.31
C THR B 29 -17.30 -21.72 36.97
N PRO B 30 -17.08 -21.29 38.21
CA PRO B 30 -15.80 -21.58 38.88
C PRO B 30 -15.62 -23.07 39.11
N THR B 31 -14.36 -23.51 39.02
CA THR B 31 -14.01 -24.90 39.21
C THR B 31 -12.97 -25.10 40.32
N THR B 32 -12.71 -24.07 41.13
CA THR B 32 -11.75 -24.14 42.21
C THR B 32 -12.47 -23.94 43.54
N GLU B 33 -11.95 -24.59 44.59
CA GLU B 33 -12.50 -24.44 45.92
C GLU B 33 -12.43 -22.98 46.38
N LYS B 34 -11.22 -22.44 46.46
CA LYS B 34 -10.99 -21.05 46.82
C LYS B 34 -10.49 -20.28 45.60
N VAL B 35 -11.15 -19.19 45.27
CA VAL B 35 -10.79 -18.35 44.14
C VAL B 35 -10.35 -16.99 44.64
N HIS B 36 -9.59 -16.29 43.81
CA HIS B 36 -9.17 -14.93 44.14
C HIS B 36 -10.37 -14.01 44.18
N GLU B 37 -10.41 -13.13 45.19
CA GLU B 37 -11.61 -12.34 45.44
C GLU B 37 -11.84 -11.31 44.34
N LYS B 38 -10.79 -10.65 43.86
CA LYS B 38 -10.96 -9.64 42.83
C LYS B 38 -11.24 -10.31 41.49
N PRO B 39 -12.30 -9.92 40.79
CA PRO B 39 -12.65 -10.59 39.52
C PRO B 39 -11.71 -10.26 38.38
N LEU B 40 -11.93 -10.88 37.23
CA LEU B 40 -11.12 -10.68 36.03
C LEU B 40 -12.05 -10.58 34.83
N LEU B 41 -11.91 -9.50 34.06
CA LEU B 41 -12.79 -9.22 32.93
C LEU B 41 -12.03 -9.38 31.62
N PHE B 42 -12.67 -9.99 30.64
CA PHE B 42 -12.12 -10.20 29.31
C PHE B 42 -12.81 -9.28 28.31
N VAL B 43 -12.02 -8.52 27.56
CA VAL B 43 -12.55 -7.60 26.57
C VAL B 43 -12.09 -8.03 25.17
N PRO B 44 -12.89 -8.80 24.45
CA PRO B 44 -12.54 -9.18 23.08
C PRO B 44 -12.80 -8.03 22.13
N PRO B 45 -12.45 -8.17 20.84
CA PRO B 45 -12.85 -7.16 19.86
C PRO B 45 -14.36 -7.03 19.79
N CYS B 46 -14.82 -5.89 19.27
CA CYS B 46 -16.25 -5.63 19.13
C CYS B 46 -16.86 -6.52 18.06
N ILE B 47 -16.60 -7.82 18.14
CA ILE B 47 -17.05 -8.80 17.16
C ILE B 47 -17.47 -10.06 17.90
N ASN B 48 -18.61 -10.64 17.49
CA ASN B 48 -19.12 -11.82 18.17
C ASN B 48 -18.18 -13.01 18.02
N LYS B 49 -17.66 -13.23 16.80
CA LYS B 49 -16.78 -14.35 16.52
C LYS B 49 -15.49 -13.82 15.89
N TYR B 50 -14.39 -13.90 16.63
CA TYR B 50 -13.11 -13.38 16.17
C TYR B 50 -12.16 -14.47 15.68
N TYR B 51 -12.40 -15.73 16.04
CA TYR B 51 -11.63 -16.87 15.55
C TYR B 51 -10.14 -16.73 15.88
N LEU B 52 -9.86 -16.21 17.08
CA LEU B 52 -8.51 -16.19 17.60
C LEU B 52 -8.22 -17.48 18.35
N MET B 53 -7.03 -18.00 18.20
CA MET B 53 -6.73 -19.21 18.88
C MET B 53 -6.90 -19.12 20.35
N ASP B 54 -7.13 -20.25 20.96
CA ASP B 54 -7.28 -20.39 22.41
C ASP B 54 -8.49 -19.66 22.96
N LEU B 55 -9.37 -19.11 22.13
CA LEU B 55 -10.48 -18.31 22.65
C LEU B 55 -11.81 -18.57 21.96
N GLN B 56 -11.86 -18.47 20.63
CA GLN B 56 -13.16 -18.51 19.98
C GLN B 56 -13.68 -19.94 19.82
N PRO B 57 -12.94 -20.87 19.19
CA PRO B 57 -13.50 -22.23 19.03
C PRO B 57 -13.34 -23.09 20.27
N ASP B 58 -12.28 -22.84 21.04
CA ASP B 58 -11.94 -23.68 22.18
C ASP B 58 -12.02 -22.95 23.51
N ASN B 59 -11.60 -21.70 23.56
CA ASN B 59 -11.59 -20.90 24.79
C ASN B 59 -10.72 -21.56 25.86
N SER B 60 -9.54 -22.02 25.45
CA SER B 60 -8.65 -22.71 26.38
C SER B 60 -8.09 -21.76 27.44
N MET B 61 -7.96 -20.48 27.12
CA MET B 61 -7.34 -19.55 28.05
C MET B 61 -8.24 -19.30 29.26
N VAL B 62 -9.53 -19.00 29.02
CA VAL B 62 -10.46 -18.80 30.12
C VAL B 62 -10.55 -20.05 30.99
N ARG B 63 -10.63 -21.22 30.34
CA ARG B 63 -10.67 -22.47 31.09
C ARG B 63 -9.43 -22.64 31.95
N HIS B 64 -8.26 -22.29 31.43
CA HIS B 64 -7.02 -22.43 32.19
C HIS B 64 -7.00 -21.49 33.39
N PHE B 65 -7.38 -20.23 33.19
CA PHE B 65 -7.29 -19.27 34.29
C PHE B 65 -8.38 -19.48 35.33
N VAL B 66 -9.55 -19.98 34.92
CA VAL B 66 -10.51 -20.45 35.92
C VAL B 66 -9.94 -21.65 36.65
N GLY B 67 -9.15 -22.49 35.97
CA GLY B 67 -8.45 -23.56 36.65
C GLY B 67 -7.46 -23.05 37.68
N GLN B 68 -6.84 -21.90 37.42
CA GLN B 68 -5.93 -21.30 38.39
C GLN B 68 -6.67 -20.59 39.53
N GLY B 69 -8.00 -20.50 39.46
CA GLY B 69 -8.77 -19.93 40.55
C GLY B 69 -9.04 -18.45 40.39
N TYR B 70 -9.74 -18.07 39.32
CA TYR B 70 -10.10 -16.68 39.07
C TYR B 70 -11.57 -16.58 38.74
N ARG B 71 -12.19 -15.48 39.17
CA ARG B 71 -13.60 -15.20 38.87
C ARG B 71 -13.63 -14.49 37.53
N VAL B 72 -13.75 -15.28 36.46
CA VAL B 72 -13.56 -14.78 35.10
C VAL B 72 -14.92 -14.39 34.51
N PHE B 73 -14.97 -13.18 33.93
CA PHE B 73 -16.11 -12.71 33.17
C PHE B 73 -15.66 -12.36 31.76
N LEU B 74 -16.58 -12.45 30.80
CA LEU B 74 -16.29 -12.14 29.41
C LEU B 74 -17.38 -11.25 28.84
N VAL B 75 -16.99 -10.34 27.95
CA VAL B 75 -17.91 -9.39 27.33
C VAL B 75 -18.18 -9.92 25.93
N SER B 76 -19.25 -10.70 25.80
CA SER B 76 -19.64 -11.26 24.51
C SER B 76 -20.46 -10.23 23.74
N TRP B 77 -19.85 -9.62 22.74
CA TRP B 77 -20.54 -8.62 21.93
C TRP B 77 -21.60 -9.30 21.06
N ARG B 78 -22.81 -8.73 21.06
CA ARG B 78 -23.91 -9.32 20.31
C ARG B 78 -23.64 -9.20 18.80
N SER B 79 -24.31 -10.06 18.05
CA SER B 79 -24.19 -10.03 16.60
C SER B 79 -24.83 -8.77 16.03
N ALA B 80 -24.38 -8.38 14.84
CA ALA B 80 -24.84 -7.14 14.24
C ALA B 80 -26.30 -7.25 13.82
N VAL B 81 -27.11 -6.29 14.25
CA VAL B 81 -28.52 -6.21 13.88
C VAL B 81 -28.80 -4.81 13.36
N PRO B 82 -29.88 -4.64 12.58
CA PRO B 82 -30.19 -3.30 12.06
C PRO B 82 -30.41 -2.24 13.14
N GLU B 83 -30.66 -2.64 14.39
CA GLU B 83 -30.80 -1.67 15.47
C GLU B 83 -29.47 -1.14 15.98
N MET B 84 -28.36 -1.75 15.61
CA MET B 84 -27.04 -1.36 16.07
C MET B 84 -26.26 -0.54 15.04
N LYS B 85 -26.91 -0.13 13.95
CA LYS B 85 -26.22 0.62 12.89
C LYS B 85 -25.93 2.06 13.27
N ASN B 86 -26.53 2.59 14.33
CA ASN B 86 -26.37 3.98 14.71
C ASN B 86 -25.37 4.17 15.85
N PHE B 87 -24.82 3.09 16.40
CA PHE B 87 -23.86 3.21 17.49
C PHE B 87 -22.54 3.78 16.99
N THR B 88 -21.81 4.42 17.90
CA THR B 88 -20.50 4.99 17.61
C THR B 88 -19.50 4.49 18.64
N TRP B 89 -18.26 4.94 18.51
CA TRP B 89 -17.21 4.52 19.44
C TRP B 89 -17.54 4.92 20.86
N GLU B 90 -18.14 6.10 21.04
CA GLU B 90 -18.52 6.54 22.38
C GLU B 90 -19.59 5.64 22.99
N THR B 91 -20.38 4.96 22.15
CA THR B 91 -21.33 3.99 22.67
C THR B 91 -20.65 2.70 23.08
N TYR B 92 -19.64 2.27 22.30
CA TYR B 92 -18.88 1.08 22.68
C TYR B 92 -18.08 1.31 23.95
N ILE B 93 -17.70 2.56 24.22
CA ILE B 93 -17.07 2.87 25.51
C ILE B 93 -18.12 2.94 26.62
N GLU B 94 -19.19 3.69 26.39
CA GLU B 94 -20.22 3.94 27.38
C GLU B 94 -21.00 2.66 27.71
N LYS B 95 -21.88 2.25 26.81
CA LYS B 95 -22.72 1.08 27.03
C LYS B 95 -21.95 -0.23 26.91
N GLY B 96 -20.71 -0.21 26.46
CA GLY B 96 -19.94 -1.42 26.28
C GLY B 96 -19.12 -1.81 27.48
N VAL B 97 -18.00 -1.11 27.69
CA VAL B 97 -17.06 -1.50 28.75
C VAL B 97 -17.57 -1.06 30.11
N PHE B 98 -18.02 0.19 30.23
CA PHE B 98 -18.42 0.71 31.53
C PHE B 98 -19.64 -0.02 32.08
N ALA B 99 -20.60 -0.35 31.21
CA ALA B 99 -21.78 -1.07 31.66
C ALA B 99 -21.42 -2.46 32.18
N ALA B 100 -20.53 -3.16 31.47
CA ALA B 100 -20.09 -4.47 31.93
C ALA B 100 -19.35 -4.36 33.25
N ALA B 101 -18.51 -3.33 33.40
CA ALA B 101 -17.81 -3.13 34.67
C ALA B 101 -18.79 -2.89 35.81
N GLU B 102 -19.85 -2.12 35.55
CA GLU B 102 -20.87 -1.91 36.58
C GLU B 102 -21.57 -3.22 36.92
N ALA B 103 -21.88 -4.03 35.91
CA ALA B 103 -22.54 -5.32 36.17
C ALA B 103 -21.65 -6.22 37.02
N VAL B 104 -20.35 -6.25 36.73
CA VAL B 104 -19.44 -7.07 37.51
C VAL B 104 -19.34 -6.54 38.95
N GLN B 105 -19.22 -5.22 39.11
CA GLN B 105 -19.09 -4.67 40.45
C GLN B 105 -20.38 -4.79 41.26
N LYS B 106 -21.52 -4.96 40.60
CA LYS B 106 -22.77 -5.20 41.31
C LYS B 106 -23.01 -6.67 41.61
N ILE B 107 -22.55 -7.57 40.74
CA ILE B 107 -22.74 -9.00 40.99
C ILE B 107 -21.75 -9.51 42.03
N THR B 108 -20.50 -9.07 41.95
CA THR B 108 -19.46 -9.55 42.86
C THR B 108 -19.30 -8.69 44.11
N LYS B 109 -19.99 -7.55 44.19
CA LYS B 109 -19.91 -6.62 45.31
C LYS B 109 -18.49 -6.09 45.51
N GLN B 110 -17.65 -6.16 44.48
CA GLN B 110 -16.28 -5.67 44.51
C GLN B 110 -16.16 -4.40 43.67
N PRO B 111 -15.46 -3.38 44.16
CA PRO B 111 -15.44 -2.10 43.43
C PRO B 111 -14.55 -2.12 42.20
N THR B 112 -13.30 -2.55 42.37
CA THR B 112 -12.34 -2.59 41.29
C THR B 112 -12.18 -4.00 40.74
N MET B 113 -11.45 -4.11 39.64
CA MET B 113 -11.25 -5.39 38.97
C MET B 113 -10.01 -5.30 38.10
N ASN B 114 -9.53 -6.47 37.68
CA ASN B 114 -8.43 -6.56 36.73
C ASN B 114 -8.99 -6.65 35.32
N ALA B 115 -8.46 -5.84 34.41
CA ALA B 115 -8.95 -5.76 33.05
C ALA B 115 -8.00 -6.45 32.08
N LEU B 116 -8.56 -7.10 31.07
CA LEU B 116 -7.80 -7.74 30.00
C LEU B 116 -8.45 -7.41 28.68
N GLY B 117 -7.68 -6.83 27.77
CA GLY B 117 -8.17 -6.50 26.45
C GLY B 117 -7.20 -6.94 25.36
N PHE B 118 -7.61 -7.89 24.54
CA PHE B 118 -6.78 -8.41 23.46
C PHE B 118 -7.32 -7.97 22.12
N CYS B 119 -6.44 -7.87 21.15
CA CYS B 119 -6.76 -7.45 19.77
C CYS B 119 -7.37 -6.04 19.83
N VAL B 120 -8.24 -5.74 18.87
CA VAL B 120 -8.84 -4.41 18.79
C VAL B 120 -9.56 -4.06 20.08
N GLY B 121 -10.17 -5.06 20.73
CA GLY B 121 -10.82 -4.81 22.00
C GLY B 121 -9.92 -4.11 23.00
N GLY B 122 -8.66 -4.51 23.06
CA GLY B 122 -7.71 -3.83 23.94
C GLY B 122 -7.68 -2.34 23.72
N VAL B 123 -7.58 -1.93 22.45
CA VAL B 123 -7.64 -0.51 22.10
C VAL B 123 -8.84 0.13 22.76
N ILE B 124 -10.03 -0.49 22.60
CA ILE B 124 -11.23 0.02 23.24
C ILE B 124 -10.98 0.25 24.72
N LEU B 125 -10.52 -0.80 25.41
CA LEU B 125 -10.22 -0.68 26.83
C LEU B 125 -9.33 0.52 27.10
N THR B 126 -8.26 0.67 26.31
CA THR B 126 -7.37 1.82 26.45
C THR B 126 -8.17 3.11 26.50
N THR B 127 -8.98 3.35 25.46
CA THR B 127 -9.77 4.57 25.42
C THR B 127 -10.66 4.68 26.65
N ALA B 128 -11.31 3.58 27.03
CA ALA B 128 -12.16 3.58 28.21
C ALA B 128 -11.38 4.07 29.44
N LEU B 129 -10.15 3.59 29.60
CA LEU B 129 -9.32 4.04 30.71
C LEU B 129 -9.20 5.56 30.70
N CYS B 130 -8.81 6.13 29.55
CA CYS B 130 -8.62 7.57 29.47
C CYS B 130 -9.90 8.34 29.74
N VAL B 131 -11.06 7.68 29.65
CA VAL B 131 -12.30 8.35 30.03
C VAL B 131 -12.53 8.22 31.53
N ALA B 132 -12.31 7.02 32.07
CA ALA B 132 -12.62 6.76 33.48
C ALA B 132 -11.81 7.68 34.39
N GLN B 133 -10.48 7.66 34.22
CA GLN B 133 -9.62 8.54 35.00
C GLN B 133 -10.00 10.00 34.83
N ALA B 134 -10.58 10.36 33.68
CA ALA B 134 -10.98 11.74 33.46
C ALA B 134 -12.29 12.08 34.19
N LYS B 135 -13.15 11.09 34.41
CA LYS B 135 -14.42 11.32 35.09
C LYS B 135 -14.40 10.80 36.53
N GLY B 136 -13.23 10.50 37.07
CA GLY B 136 -13.12 10.01 38.43
C GLY B 136 -13.74 8.64 38.66
N LEU B 137 -14.10 7.93 37.61
CA LEU B 137 -14.73 6.62 37.73
C LEU B 137 -13.65 5.56 37.92
N LYS B 138 -13.64 4.94 39.11
CA LYS B 138 -12.64 3.92 39.43
C LYS B 138 -13.24 2.55 39.13
N TYR B 139 -12.82 1.96 38.00
CA TYR B 139 -13.31 0.65 37.58
C TYR B 139 -12.24 -0.43 37.64
N PHE B 140 -11.04 -0.14 37.16
CA PHE B 140 -10.00 -1.15 36.99
C PHE B 140 -8.77 -0.78 37.81
N ASP B 141 -8.14 -1.80 38.41
CA ASP B 141 -6.88 -1.65 39.11
C ASP B 141 -5.66 -1.99 38.25
N SER B 142 -5.88 -2.65 37.11
CA SER B 142 -4.79 -2.97 36.19
C SER B 142 -5.39 -3.33 34.84
N ALA B 143 -4.58 -3.17 33.80
CA ALA B 143 -4.99 -3.48 32.43
C ALA B 143 -3.92 -4.31 31.75
N THR B 144 -4.37 -5.21 30.88
CA THR B 144 -3.48 -6.11 30.16
C THR B 144 -3.83 -6.10 28.68
N PHE B 145 -2.82 -6.04 27.82
CA PHE B 145 -3.00 -5.96 26.39
C PHE B 145 -2.30 -7.14 25.72
N MET B 146 -3.08 -7.96 25.01
CA MET B 146 -2.56 -9.15 24.34
C MET B 146 -2.69 -8.95 22.83
N THR B 147 -1.54 -8.86 22.15
CA THR B 147 -1.47 -8.69 20.71
C THR B 147 -2.30 -7.48 20.26
N SER B 148 -2.21 -6.40 21.02
CA SER B 148 -2.94 -5.17 20.73
C SER B 148 -1.95 -4.07 20.38
N LEU B 149 -2.40 -3.12 19.56
CA LEU B 149 -1.58 -2.03 19.09
C LEU B 149 -2.06 -0.72 19.69
N ILE B 150 -1.17 -0.04 20.41
CA ILE B 150 -1.43 1.31 20.90
C ILE B 150 -0.77 2.35 20.00
N ASP B 151 0.44 2.07 19.54
CA ASP B 151 1.15 2.92 18.58
C ASP B 151 0.95 2.32 17.19
N HIS B 152 0.09 2.95 16.39
CA HIS B 152 -0.17 2.50 15.03
C HIS B 152 0.81 3.07 14.02
N ALA B 153 2.08 3.27 14.41
CA ALA B 153 3.06 3.83 13.49
C ALA B 153 3.41 2.84 12.39
N GLU B 154 3.65 1.57 12.76
CA GLU B 154 4.01 0.51 11.82
C GLU B 154 2.91 -0.55 11.87
N PRO B 155 1.80 -0.35 11.15
CA PRO B 155 0.74 -1.36 11.16
C PRO B 155 1.17 -2.68 10.52
N GLY B 156 2.09 -2.64 9.56
CA GLY B 156 2.54 -3.84 8.90
C GLY B 156 2.15 -3.89 7.43
N GLU B 157 1.76 -5.08 6.96
CA GLU B 157 1.37 -5.22 5.55
C GLU B 157 0.10 -4.42 5.25
N ILE B 158 -0.80 -4.30 6.22
CA ILE B 158 -2.09 -3.68 5.96
C ILE B 158 -1.96 -2.20 5.63
N SER B 159 -0.83 -1.57 5.95
CA SER B 159 -0.61 -0.19 5.56
C SER B 159 -0.55 -0.03 4.04
N PHE B 160 -0.26 -1.12 3.31
CA PHE B 160 -0.26 -1.07 1.85
C PHE B 160 -1.65 -0.73 1.31
N PHE B 161 -2.69 -1.06 2.07
CA PHE B 161 -4.07 -0.89 1.62
C PHE B 161 -4.72 0.38 2.19
N ILE B 162 -4.57 0.61 3.50
CA ILE B 162 -5.37 1.63 4.18
C ILE B 162 -4.91 3.01 3.77
N ASP B 163 -5.84 3.83 3.33
CA ASP B 163 -5.60 5.24 3.04
C ASP B 163 -6.95 5.94 3.02
N GLU B 164 -6.93 7.26 2.72
CA GLU B 164 -8.18 8.00 2.67
C GLU B 164 -9.01 7.64 1.45
N ALA B 165 -8.35 7.20 0.36
CA ALA B 165 -9.09 6.82 -0.83
C ALA B 165 -9.94 5.57 -0.59
N LEU B 166 -9.45 4.65 0.23
CA LEU B 166 -10.21 3.44 0.54
C LEU B 166 -11.44 3.76 1.39
N VAL B 167 -11.23 4.44 2.51
CA VAL B 167 -12.34 4.75 3.41
C VAL B 167 -13.35 5.66 2.73
N ALA B 168 -12.86 6.63 1.94
CA ALA B 168 -13.77 7.49 1.19
C ALA B 168 -14.51 6.70 0.11
N SER B 169 -13.86 5.71 -0.49
CA SER B 169 -14.54 4.89 -1.50
C SER B 169 -15.65 4.06 -0.87
N ARG B 170 -15.40 3.47 0.30
CA ARG B 170 -16.44 2.70 0.97
C ARG B 170 -17.56 3.59 1.47
N GLU B 171 -17.22 4.79 1.95
CA GLU B 171 -18.24 5.76 2.35
C GLU B 171 -19.04 6.27 1.16
N ALA B 172 -18.54 6.15 -0.03
CA ALA B 172 -19.33 6.58 -1.14
C ALA B 172 -20.29 5.48 -1.37
N LYS B 173 -19.75 4.33 -1.77
CA LYS B 173 -20.61 3.24 -2.06
C LYS B 173 -21.40 3.17 -0.80
N MET B 174 -22.70 3.11 -0.92
CA MET B 174 -23.50 3.07 0.29
C MET B 174 -23.95 4.53 0.31
N GLU B 184 -21.55 4.50 -15.75
CA GLU B 184 -21.60 3.27 -14.99
C GLU B 184 -22.12 2.13 -15.86
N ILE B 185 -21.60 2.03 -17.08
CA ILE B 185 -22.04 1.02 -18.04
C ILE B 185 -20.83 0.26 -18.57
N GLY B 186 -19.69 0.94 -18.68
CA GLY B 186 -18.50 0.31 -19.20
C GLY B 186 -17.27 0.40 -18.32
N ARG B 187 -17.43 0.95 -17.11
CA ARG B 187 -16.30 1.16 -16.22
C ARG B 187 -16.08 -0.05 -15.33
N THR B 188 -14.80 -0.37 -15.09
CA THR B 188 -14.40 -1.56 -14.36
C THR B 188 -14.28 -1.22 -12.87
N PHE B 189 -13.57 -2.06 -12.11
CA PHE B 189 -13.32 -1.80 -10.70
C PHE B 189 -12.16 -0.84 -10.47
N ALA B 190 -11.51 -0.37 -11.54
CA ALA B 190 -10.43 0.60 -11.36
C ALA B 190 -10.93 1.92 -10.81
N SER B 191 -12.24 2.17 -10.86
CA SER B 191 -12.84 3.36 -10.30
C SER B 191 -13.51 3.11 -8.95
N LEU B 192 -13.67 1.85 -8.55
CA LEU B 192 -14.25 1.48 -7.26
C LEU B 192 -13.15 0.78 -6.45
N ARG B 193 -12.47 1.58 -5.61
CA ARG B 193 -11.36 1.02 -4.84
C ARG B 193 -11.86 0.11 -3.74
N ALA B 194 -12.82 0.57 -2.95
CA ALA B 194 -13.34 -0.22 -1.83
C ALA B 194 -14.36 -1.24 -2.29
N ASN B 195 -14.00 -2.05 -3.28
CA ASN B 195 -14.83 -3.19 -3.65
C ASN B 195 -14.90 -4.17 -2.49
N ASP B 196 -15.92 -5.04 -2.54
CA ASP B 196 -16.13 -5.99 -1.45
C ASP B 196 -14.92 -6.89 -1.25
N LEU B 197 -14.19 -7.20 -2.32
CA LEU B 197 -12.99 -8.03 -2.21
C LEU B 197 -11.93 -7.35 -1.36
N VAL B 198 -11.47 -6.18 -1.78
CA VAL B 198 -10.40 -5.49 -1.09
C VAL B 198 -10.86 -5.05 0.30
N TRP B 199 -12.04 -4.44 0.38
CA TRP B 199 -12.56 -3.97 1.67
C TRP B 199 -12.68 -5.11 2.66
N ASN B 200 -13.24 -6.24 2.23
CA ASN B 200 -13.32 -7.40 3.10
C ASN B 200 -11.94 -7.94 3.45
N TYR B 201 -10.96 -7.76 2.57
CA TYR B 201 -9.61 -8.21 2.91
C TYR B 201 -9.02 -7.36 4.03
N VAL B 202 -9.20 -6.05 3.97
CA VAL B 202 -8.70 -5.18 5.04
C VAL B 202 -9.43 -5.47 6.34
N VAL B 203 -10.77 -5.42 6.30
CA VAL B 203 -11.57 -5.59 7.51
C VAL B 203 -11.26 -6.94 8.16
N ASN B 204 -11.39 -8.03 7.39
CA ASN B 204 -11.08 -9.35 7.91
C ASN B 204 -9.62 -9.46 8.33
N ASN B 205 -8.74 -8.68 7.70
CA ASN B 205 -7.32 -8.79 7.98
C ASN B 205 -6.94 -8.15 9.32
N TYR B 206 -7.63 -7.08 9.74
CA TYR B 206 -7.31 -6.44 11.01
C TYR B 206 -8.31 -6.73 12.11
N LEU B 207 -9.41 -7.43 11.83
CA LEU B 207 -10.42 -7.67 12.84
C LEU B 207 -10.63 -9.14 13.20
N LEU B 208 -9.89 -10.06 12.59
CA LEU B 208 -10.07 -11.48 12.84
C LEU B 208 -8.75 -12.14 13.19
N GLY B 209 -8.79 -13.10 14.12
CA GLY B 209 -7.64 -13.90 14.47
C GLY B 209 -7.29 -14.99 13.49
N LYS B 210 -8.18 -15.27 12.54
CA LYS B 210 -7.91 -16.18 11.44
C LYS B 210 -8.26 -15.46 10.15
N THR B 211 -7.33 -15.45 9.20
CA THR B 211 -7.54 -14.75 7.94
C THR B 211 -8.16 -15.71 6.93
N PRO B 212 -9.43 -15.53 6.55
CA PRO B 212 -10.04 -16.45 5.60
C PRO B 212 -9.51 -16.25 4.19
N ALA B 213 -9.50 -17.34 3.42
CA ALA B 213 -9.10 -17.28 2.03
C ALA B 213 -10.21 -16.67 1.18
N PRO B 214 -9.88 -16.04 0.06
CA PRO B 214 -10.92 -15.40 -0.78
C PRO B 214 -12.00 -16.36 -1.24
N PHE B 215 -11.73 -17.67 -1.27
CA PHE B 215 -12.72 -18.65 -1.68
C PHE B 215 -13.44 -19.28 -0.48
N ASP B 216 -13.35 -18.67 0.69
CA ASP B 216 -14.04 -19.15 1.89
C ASP B 216 -15.33 -18.37 2.08
N LEU B 217 -16.31 -19.02 2.70
CA LEU B 217 -17.58 -18.35 2.96
C LEU B 217 -17.45 -17.28 4.03
N LEU B 218 -16.54 -17.47 5.00
CA LEU B 218 -16.34 -16.44 6.01
C LEU B 218 -15.65 -15.20 5.44
N TYR B 219 -14.98 -15.32 4.30
CA TYR B 219 -14.32 -14.17 3.70
C TYR B 219 -15.33 -13.12 3.27
N TRP B 220 -16.55 -13.55 2.91
CA TRP B 220 -17.56 -12.64 2.39
C TRP B 220 -18.74 -12.42 3.34
N ASN B 221 -18.93 -13.28 4.34
CA ASN B 221 -20.05 -13.15 5.27
C ASN B 221 -19.55 -13.51 6.67
N ASN B 222 -19.02 -12.50 7.38
CA ASN B 222 -18.57 -12.66 8.76
C ASN B 222 -19.00 -11.44 9.56
N ASP B 223 -18.78 -11.50 10.87
CA ASP B 223 -19.20 -10.42 11.75
C ASP B 223 -18.39 -9.14 11.53
N ALA B 224 -17.15 -9.27 11.06
CA ALA B 224 -16.32 -8.10 10.84
C ALA B 224 -16.87 -7.23 9.72
N VAL B 225 -17.37 -7.85 8.65
CA VAL B 225 -18.02 -7.10 7.59
C VAL B 225 -19.36 -6.55 8.04
N ASP B 226 -19.99 -7.17 9.05
CA ASP B 226 -21.27 -6.72 9.56
C ASP B 226 -21.14 -5.57 10.56
N LEU B 227 -19.93 -5.25 10.99
CA LEU B 227 -19.75 -4.13 11.92
C LEU B 227 -20.18 -2.83 11.25
N PRO B 228 -20.85 -1.93 11.97
CA PRO B 228 -21.29 -0.67 11.35
C PRO B 228 -20.13 0.12 10.76
N LEU B 229 -20.41 0.78 9.65
CA LEU B 229 -19.38 1.56 8.95
C LEU B 229 -18.76 2.66 9.80
N PRO B 230 -19.49 3.39 10.66
CA PRO B 230 -18.83 4.40 11.50
C PRO B 230 -17.66 3.87 12.32
N MET B 231 -17.75 2.62 12.80
CA MET B 231 -16.65 2.04 13.55
C MET B 231 -15.44 1.79 12.66
N HIS B 232 -15.66 1.31 11.44
CA HIS B 232 -14.55 1.09 10.52
C HIS B 232 -13.90 2.41 10.11
N THR B 233 -14.71 3.44 9.87
CA THR B 233 -14.16 4.76 9.55
C THR B 233 -13.35 5.30 10.70
N PHE B 234 -13.87 5.20 11.92
CA PHE B 234 -13.17 5.74 13.09
C PHE B 234 -11.86 5.00 13.34
N MET B 235 -11.87 3.67 13.23
CA MET B 235 -10.66 2.89 13.51
C MET B 235 -9.63 3.06 12.40
N LEU B 236 -10.06 3.05 11.14
CA LEU B 236 -9.11 3.17 10.04
C LEU B 236 -8.53 4.57 9.96
N ARG B 237 -9.33 5.60 10.24
CA ARG B 237 -8.84 6.97 10.15
C ARG B 237 -8.08 7.39 11.40
N GLN B 238 -8.76 7.33 12.55
CA GLN B 238 -8.18 7.88 13.78
C GLN B 238 -6.96 7.10 14.27
N PHE B 239 -6.83 5.83 13.91
CA PHE B 239 -5.74 4.99 14.40
C PHE B 239 -4.76 4.62 13.31
N TYR B 240 -5.20 3.92 12.26
CA TYR B 240 -4.28 3.42 11.26
C TYR B 240 -3.76 4.50 10.33
N ILE B 241 -4.39 5.67 10.31
CA ILE B 241 -3.99 6.78 9.45
C ILE B 241 -3.49 7.97 10.27
N ASN B 242 -4.23 8.35 11.31
CA ASN B 242 -3.85 9.50 12.12
C ASN B 242 -2.97 9.12 13.31
N ASN B 243 -3.11 7.91 13.84
CA ASN B 243 -2.39 7.48 15.03
C ASN B 243 -2.64 8.46 16.18
N ALA B 244 -3.91 8.72 16.46
CA ALA B 244 -4.31 9.72 17.43
C ALA B 244 -3.98 9.32 18.86
N LEU B 245 -3.59 8.07 19.11
CA LEU B 245 -3.32 7.64 20.47
C LEU B 245 -1.99 8.20 20.98
N ILE B 246 -0.94 8.17 20.17
CA ILE B 246 0.36 8.64 20.62
C ILE B 246 0.37 10.15 20.83
N THR B 247 -0.55 10.88 20.20
CA THR B 247 -0.61 12.33 20.35
C THR B 247 -1.64 12.68 21.40
N PRO B 248 -1.26 13.43 22.45
CA PRO B 248 -2.24 13.78 23.50
C PRO B 248 -3.33 14.69 22.96
N GLY B 249 -4.58 14.36 23.28
CA GLY B 249 -5.69 15.20 22.91
C GLY B 249 -6.01 15.25 21.43
N ALA B 250 -5.59 14.25 20.66
CA ALA B 250 -5.88 14.26 19.24
C ALA B 250 -7.33 13.88 18.97
N ILE B 251 -7.88 12.94 19.75
CA ILE B 251 -9.27 12.53 19.66
C ILE B 251 -9.95 12.84 20.98
N THR B 252 -11.25 13.12 20.89
CA THR B 252 -12.07 13.43 22.06
C THR B 252 -13.24 12.46 22.13
N LEU B 253 -13.30 11.68 23.19
CA LEU B 253 -14.33 10.66 23.38
C LEU B 253 -15.11 10.97 24.65
N CYS B 254 -16.44 11.04 24.52
CA CYS B 254 -17.33 11.38 25.63
C CYS B 254 -16.97 12.74 26.22
N GLY B 255 -16.53 13.65 25.36
CA GLY B 255 -16.07 14.96 25.81
C GLY B 255 -14.80 14.92 26.61
N VAL B 256 -13.89 14.00 26.29
CA VAL B 256 -12.65 13.84 27.05
C VAL B 256 -11.48 13.71 26.09
N PRO B 257 -10.47 14.58 26.16
CA PRO B 257 -9.26 14.37 25.38
C PRO B 257 -8.50 13.14 25.84
N ILE B 258 -7.89 12.45 24.90
CA ILE B 258 -7.25 11.15 25.15
C ILE B 258 -5.77 11.38 25.39
N ASP B 259 -5.34 11.17 26.63
CA ASP B 259 -3.93 11.32 27.03
C ASP B 259 -3.48 9.98 27.62
N ILE B 260 -2.55 9.31 26.94
CA ILE B 260 -2.09 8.01 27.39
C ILE B 260 -1.29 8.13 28.69
N SER B 261 -0.72 9.30 28.97
CA SER B 261 0.01 9.51 30.21
C SER B 261 -0.89 9.54 31.43
N LYS B 262 -2.22 9.57 31.25
CA LYS B 262 -3.17 9.62 32.35
C LYS B 262 -3.67 8.25 32.76
N ILE B 263 -2.90 7.19 32.47
CA ILE B 263 -3.22 5.84 32.93
C ILE B 263 -2.36 5.56 34.16
N ASP B 264 -3.01 5.35 35.30
CA ASP B 264 -2.33 5.24 36.59
C ASP B 264 -2.38 3.84 37.18
N ILE B 265 -2.64 2.82 36.36
CA ILE B 265 -2.74 1.45 36.85
C ILE B 265 -1.58 0.64 36.28
N PRO B 266 -1.15 -0.43 36.94
CA PRO B 266 -0.12 -1.30 36.36
C PRO B 266 -0.56 -1.88 35.03
N VAL B 267 0.40 -2.07 34.13
CA VAL B 267 0.13 -2.51 32.77
C VAL B 267 0.98 -3.72 32.44
N TYR B 268 0.34 -4.76 31.91
CA TYR B 268 1.00 -5.95 31.39
C TYR B 268 0.71 -6.04 29.91
N MET B 269 1.73 -6.34 29.11
CA MET B 269 1.57 -6.42 27.66
C MET B 269 2.24 -7.67 27.14
N PHE B 270 1.50 -8.40 26.29
CA PHE B 270 2.02 -9.58 25.61
C PHE B 270 1.80 -9.42 24.11
N ALA B 271 2.74 -9.93 23.33
CA ALA B 271 2.65 -9.88 21.88
C ALA B 271 3.34 -11.09 21.29
N ALA B 272 2.64 -11.84 20.44
CA ALA B 272 3.24 -13.00 19.80
C ALA B 272 4.31 -12.55 18.81
N ARG B 273 5.42 -13.29 18.77
CA ARG B 273 6.55 -12.88 17.95
C ARG B 273 6.30 -13.09 16.47
N GLU B 274 5.58 -14.15 16.10
CA GLU B 274 5.41 -14.52 14.70
C GLU B 274 4.13 -13.98 14.09
N ASN B 275 3.31 -13.26 14.86
CA ASN B 275 2.11 -12.65 14.31
C ASN B 275 2.49 -11.57 13.31
N HIS B 276 2.42 -11.89 12.02
CA HIS B 276 2.70 -10.91 10.99
C HIS B 276 1.61 -9.86 10.86
N ILE B 277 0.43 -10.10 11.45
CA ILE B 277 -0.61 -9.08 11.45
C ILE B 277 -0.25 -7.95 12.42
N VAL B 278 0.17 -8.31 13.63
CA VAL B 278 0.55 -7.35 14.65
C VAL B 278 2.03 -7.55 14.94
N LEU B 279 2.88 -6.67 14.40
CA LEU B 279 4.30 -6.73 14.69
C LEU B 279 4.55 -6.47 16.16
N TRP B 280 5.21 -7.43 16.83
CA TRP B 280 5.50 -7.26 18.25
C TRP B 280 6.38 -6.05 18.50
N SER B 281 7.15 -5.63 17.50
CA SER B 281 7.95 -4.41 17.63
C SER B 281 7.05 -3.17 17.71
N SER B 282 5.86 -3.22 17.12
CA SER B 282 4.94 -2.09 17.18
C SER B 282 4.22 -2.05 18.52
N ALA B 283 3.73 -3.21 18.98
CA ALA B 283 3.14 -3.28 20.32
C ALA B 283 4.16 -2.86 21.37
N TYR B 284 5.42 -3.25 21.20
CA TYR B 284 6.46 -2.77 22.10
C TYR B 284 6.71 -1.27 21.93
N SER B 285 6.58 -0.76 20.70
CA SER B 285 6.73 0.67 20.47
C SER B 285 5.67 1.47 21.21
N GLY B 286 4.48 0.91 21.39
CA GLY B 286 3.44 1.60 22.12
C GLY B 286 3.65 1.70 23.62
N LEU B 287 4.74 1.14 24.15
CA LEU B 287 4.93 1.11 25.60
C LEU B 287 5.49 2.42 26.15
N LYS B 288 6.39 3.07 25.41
CA LYS B 288 7.01 4.29 25.90
C LYS B 288 6.00 5.43 26.09
N TYR B 289 4.80 5.31 25.54
CA TYR B 289 3.78 6.34 25.66
C TYR B 289 2.92 6.18 26.91
N LEU B 290 3.09 5.10 27.65
CA LEU B 290 2.39 4.91 28.93
C LEU B 290 3.30 5.32 30.09
N SER B 291 3.70 6.60 30.06
CA SER B 291 4.63 7.11 31.07
C SER B 291 3.97 7.23 32.43
N GLY B 292 2.65 7.45 32.47
CA GLY B 292 1.96 7.60 33.73
C GLY B 292 1.67 6.32 34.48
N THR B 293 1.89 5.18 33.85
CA THR B 293 1.61 3.90 34.50
C THR B 293 2.71 3.58 35.50
N PRO B 294 2.37 3.16 36.73
CA PRO B 294 3.42 2.90 37.73
C PRO B 294 4.44 1.86 37.30
N SER B 295 4.01 0.82 36.59
CA SER B 295 4.91 -0.23 36.15
C SER B 295 4.40 -0.82 34.84
N ARG B 296 5.34 -1.32 34.04
CA ARG B 296 5.03 -1.93 32.75
C ARG B 296 5.84 -3.20 32.60
N ARG B 297 5.19 -4.26 32.14
CA ARG B 297 5.85 -5.54 31.88
C ARG B 297 5.49 -6.00 30.48
N PHE B 298 6.50 -6.27 29.67
CA PHE B 298 6.32 -6.79 28.32
C PHE B 298 6.89 -8.20 28.25
N VAL B 299 6.13 -9.11 27.65
CA VAL B 299 6.53 -10.49 27.48
C VAL B 299 6.31 -10.89 26.03
N LEU B 300 7.35 -11.40 25.39
CA LEU B 300 7.29 -11.85 24.00
C LEU B 300 7.07 -13.36 23.99
N GLY B 301 6.11 -13.80 23.19
CA GLY B 301 5.74 -15.21 23.10
C GLY B 301 6.12 -15.81 21.76
N ALA B 302 6.66 -17.02 21.81
CA ALA B 302 7.02 -17.77 20.61
C ALA B 302 6.17 -19.03 20.52
N SER B 303 5.67 -19.30 19.31
CA SER B 303 4.80 -20.46 19.13
C SER B 303 5.58 -21.76 19.19
N GLY B 304 6.77 -21.79 18.60
CA GLY B 304 7.58 -22.99 18.57
C GLY B 304 7.29 -23.92 17.42
N HIS B 305 6.90 -23.38 16.26
CA HIS B 305 6.60 -24.18 15.07
C HIS B 305 5.53 -25.22 15.34
N LYS B 317 8.33 -26.90 22.66
CA LYS B 317 7.08 -26.33 22.18
C LYS B 317 7.01 -24.82 22.45
N ARG B 318 6.04 -24.41 23.27
CA ARG B 318 5.86 -23.01 23.58
C ARG B 318 6.99 -22.50 24.48
N ASN B 319 7.22 -21.19 24.42
CA ASN B 319 8.21 -20.52 25.25
C ASN B 319 7.93 -19.02 25.17
N TYR B 320 8.52 -18.28 26.11
CA TYR B 320 8.36 -16.83 26.13
C TYR B 320 9.63 -16.18 26.62
N TRP B 321 9.67 -14.85 26.53
CA TRP B 321 10.83 -14.05 26.91
C TRP B 321 10.39 -12.93 27.84
N THR B 322 11.11 -12.76 28.94
CA THR B 322 10.82 -11.70 29.91
C THR B 322 12.03 -10.78 30.03
N ASN B 323 11.76 -9.49 30.22
CA ASN B 323 12.81 -8.51 30.48
C ASN B 323 12.17 -7.31 31.15
N GLU B 324 12.64 -6.98 32.36
CA GLU B 324 12.10 -5.85 33.09
C GLU B 324 12.66 -4.52 32.63
N GLN B 325 13.73 -4.53 31.84
CA GLN B 325 14.22 -3.31 31.21
C GLN B 325 13.32 -2.92 30.05
N LEU B 326 13.18 -1.62 29.83
CA LEU B 326 12.31 -1.08 28.78
C LEU B 326 13.05 -0.01 27.98
N PRO B 327 13.98 -0.41 27.11
CA PRO B 327 14.61 0.57 26.21
C PRO B 327 13.66 1.05 25.13
N VAL B 328 14.20 1.82 24.18
CA VAL B 328 13.37 2.32 23.09
C VAL B 328 13.41 1.38 21.88
N ASN B 329 14.52 0.70 21.66
CA ASN B 329 14.69 -0.23 20.54
C ASN B 329 14.18 -1.61 20.94
N PRO B 330 13.28 -2.22 20.16
CA PRO B 330 12.75 -3.54 20.56
C PRO B 330 13.78 -4.64 20.49
N GLU B 331 14.64 -4.64 19.47
CA GLU B 331 15.67 -5.66 19.37
C GLU B 331 16.61 -5.63 20.58
N GLU B 332 16.87 -4.44 21.13
CA GLU B 332 17.68 -4.33 22.33
C GLU B 332 16.96 -4.95 23.53
N TRP B 333 15.63 -4.84 23.59
CA TRP B 333 14.87 -5.54 24.62
C TRP B 333 14.97 -7.04 24.46
N LEU B 334 14.92 -7.53 23.22
CA LEU B 334 14.98 -8.96 22.99
C LEU B 334 16.37 -9.52 23.29
N GLU B 335 17.42 -8.73 23.06
CA GLU B 335 18.78 -9.23 23.28
C GLU B 335 19.02 -9.56 24.75
N GLY B 336 18.55 -8.71 25.65
CA GLY B 336 18.70 -8.93 27.08
C GLY B 336 17.56 -9.65 27.75
N ALA B 337 16.63 -10.22 26.98
CA ALA B 337 15.47 -10.88 27.56
C ALA B 337 15.82 -12.32 27.96
N GLN B 338 15.26 -12.76 29.08
CA GLN B 338 15.46 -14.12 29.57
C GLN B 338 14.37 -15.03 29.02
N SER B 339 14.78 -16.17 28.46
CA SER B 339 13.86 -17.11 27.84
C SER B 339 13.37 -18.11 28.87
N HIS B 340 12.05 -18.20 29.04
CA HIS B 340 11.43 -19.16 29.93
C HIS B 340 10.55 -20.10 29.11
N PRO B 341 10.86 -21.40 29.05
CA PRO B 341 10.02 -22.31 28.28
C PRO B 341 8.64 -22.48 28.90
N GLY B 342 7.71 -22.92 28.06
CA GLY B 342 6.34 -23.13 28.48
C GLY B 342 5.41 -22.01 28.01
N SER B 343 4.18 -22.07 28.51
CA SER B 343 3.19 -21.06 28.20
C SER B 343 3.41 -19.82 29.05
N TRP B 344 3.20 -18.65 28.45
CA TRP B 344 3.34 -17.40 29.19
C TRP B 344 2.20 -17.16 30.17
N TRP B 345 1.17 -18.00 30.14
CA TRP B 345 0.06 -17.86 31.09
C TRP B 345 0.54 -18.00 32.52
N LYS B 346 1.63 -18.74 32.74
CA LYS B 346 2.23 -18.80 34.07
C LYS B 346 2.79 -17.44 34.48
N ASP B 347 3.48 -16.76 33.55
CA ASP B 347 4.07 -15.47 33.86
C ASP B 347 3.01 -14.43 34.18
N TRP B 348 1.95 -14.38 33.36
CA TRP B 348 0.86 -13.44 33.65
C TRP B 348 0.08 -13.88 34.88
N ASP B 349 0.11 -15.16 35.22
CA ASP B 349 -0.52 -15.61 36.46
C ASP B 349 0.26 -15.10 37.66
N ALA B 350 1.58 -15.12 37.60
CA ALA B 350 2.39 -14.57 38.69
C ALA B 350 2.31 -13.05 38.73
N TRP B 351 2.12 -12.41 37.57
CA TRP B 351 1.98 -10.96 37.54
C TRP B 351 0.61 -10.52 38.05
N LEU B 352 -0.41 -11.38 37.92
CA LEU B 352 -1.78 -11.02 38.23
C LEU B 352 -2.24 -11.49 39.61
N ALA B 353 -1.61 -12.54 40.14
CA ALA B 353 -2.06 -13.11 41.42
C ALA B 353 -1.98 -12.13 42.58
N PRO B 354 -0.88 -11.39 42.80
CA PRO B 354 -0.88 -10.43 43.92
C PRO B 354 -1.93 -9.35 43.79
N GLN B 355 -2.25 -8.92 42.57
CA GLN B 355 -3.24 -7.88 42.33
C GLN B 355 -4.67 -8.41 42.30
N SER B 356 -4.89 -9.66 42.71
CA SER B 356 -6.20 -10.28 42.68
C SER B 356 -6.83 -10.39 44.06
N GLY B 357 -6.22 -9.78 45.08
CA GLY B 357 -6.78 -9.82 46.42
C GLY B 357 -6.52 -11.13 47.12
N LYS B 358 -7.32 -11.39 48.16
CA LYS B 358 -7.21 -12.59 48.94
C LYS B 358 -7.96 -13.73 48.25
N GLN B 359 -8.13 -14.85 48.94
CA GLN B 359 -8.87 -16.00 48.42
C GLN B 359 -10.18 -16.16 49.16
N VAL B 360 -11.25 -16.39 48.40
CA VAL B 360 -12.58 -16.58 48.96
C VAL B 360 -13.20 -17.82 48.33
N PRO B 361 -14.17 -18.44 49.00
CA PRO B 361 -14.85 -19.59 48.40
C PRO B 361 -15.60 -19.20 47.14
N ALA B 362 -15.73 -20.16 46.22
CA ALA B 362 -16.34 -19.88 44.93
C ALA B 362 -17.84 -19.64 45.10
N PRO B 363 -18.39 -18.63 44.42
CA PRO B 363 -19.83 -18.37 44.50
C PRO B 363 -20.61 -19.49 43.82
N LYS B 364 -21.45 -20.19 44.60
CA LYS B 364 -22.20 -21.32 44.08
C LYS B 364 -23.30 -20.91 43.09
N MET B 365 -23.60 -19.62 42.98
CA MET B 365 -24.61 -19.11 42.06
C MET B 365 -23.97 -18.16 41.08
N LEU B 366 -24.23 -18.37 39.79
CA LEU B 366 -23.77 -17.45 38.76
C LEU B 366 -24.71 -16.26 38.70
N GLY B 367 -24.14 -15.06 38.70
CA GLY B 367 -24.93 -13.85 38.78
C GLY B 367 -25.33 -13.54 40.21
N SER B 368 -26.59 -13.16 40.41
CA SER B 368 -27.08 -12.84 41.75
C SER B 368 -28.61 -12.88 41.71
N LYS B 369 -29.23 -12.42 42.79
CA LYS B 369 -30.69 -12.34 42.83
C LYS B 369 -31.19 -11.24 41.92
N GLU B 370 -30.66 -10.02 42.07
CA GLU B 370 -31.07 -8.92 41.21
C GLU B 370 -30.63 -9.15 39.76
N PHE B 371 -29.51 -9.85 39.56
CA PHE B 371 -29.07 -10.22 38.22
C PHE B 371 -29.23 -11.72 38.02
N PRO B 372 -30.43 -12.19 37.68
CA PRO B 372 -30.62 -13.62 37.51
C PRO B 372 -29.87 -14.13 36.29
N PRO B 373 -29.38 -15.37 36.33
CA PRO B 373 -28.65 -15.91 35.18
C PRO B 373 -29.60 -16.16 34.00
N LEU B 374 -29.29 -15.55 32.86
CA LEU B 374 -30.06 -15.75 31.65
C LEU B 374 -29.62 -17.03 30.96
N GLN B 375 -29.89 -17.13 29.66
CA GLN B 375 -29.53 -18.33 28.91
C GLN B 375 -29.03 -17.98 27.51
#